data_9CF2
#
_entry.id   9CF2
#
_cell.length_a   1.00
_cell.length_b   1.00
_cell.length_c   1.00
_cell.angle_alpha   90.00
_cell.angle_beta   90.00
_cell.angle_gamma   90.00
#
_symmetry.space_group_name_H-M   'P 1'
#
loop_
_entity.id
_entity.type
_entity.pdbx_description
1 polymer 'Peptidyl-prolyl cis-trans isomerase'
2 polymer 'DNA non-target strand'
3 polymer 'Maltose/maltodextrin-binding periplasmic protein,Parasitella parasitica Fanzor 1'
4 polymer 'DNA target strand'
5 polymer 'Parasitella parasitica Fanzor 1 omegaRNA'
6 polymer 'DNA substrate model'
7 polymer 'DNA substrate model'
8 non-polymer 'ZINC ION'
9 non-polymer 'MAGNESIUM ION'
#
loop_
_entity_poly.entity_id
_entity_poly.type
_entity_poly.pdbx_seq_one_letter_code
_entity_poly.pdbx_strand_id
1 'polypeptide(L)'
;MSQVYFDVEADGQPIGRVVFKLYNDIVPKTAENFRALCTGEKGFGYAGSPFHRVIPDFMLQGGDFTAGNGTGGKSIYGGK
FPDENFKKHHDRPGLLSMANAGPNTNGSQFFITTVPCPWLDGKHVVFGEVVDGYDIVKKVESLGSPSGATKARIVVAKSG
EL
;
C
2 'polydeoxyribonucleotide'
;(DT)(DA)(DC)(DC)(DC)(DG)(DG)(DG)(DA)(DT)(DA)(DA)(DA)(DC)(DA)(DT)(DC)(DC)(DA)(DG)
(DC)(DA)(DA)(DA)(DC)(DA)(DG)(DA)(DG)(DC)(DT)(DC)(DG)(DT)(DT)(DC)(DA)(DA)(DA)(DA)
(DA)(DC)(DT)(DA)(DA)(DT)(DT)(DT)(DC)(DC)(DT)(DT)(DT)(DT)(DG)(DA)(DC)
;
N
3 'polypeptide(L)'
;MKSSHHHHHHHHHHGSSMKIEEGKLVIWINGDKGYNGLAEVGKKFEKDTGIKVTVEHPDKLEEKFPQVAATGDGPDIIFW
AHDRFGGYAQSGLLAEITPDKAFQDKLYPFTWDAVRYNGKLIAYPIAVEALSLIYNKDLLPNPPKTWEEIPALDKELKAK
GKSALMFNLQEPYFTWPLIAADGGYAFKYENGKYDIKDVGVDNAGAKAGLTFLVDLIKNKHMNADTDYSIAEAAFNKGET
AMTINGPWAWSNIDTSKVNYGVTVLPTFKGQPSKPFVGVLSAGINAASPNKELAKEFLENYLLTDEGLEAVNKDKPLGAV
ALKSYEEELAKDPRIAATMENAQKGEIMPNIPQMSAFWYAVRTAVINAASGRQTVDEALKDAQTNSSSNNNNNNNNNNLG
IEENLYFQSNAEAESDDDFQPPIIRRKRSSRENTQQSGSQKRLKGKDKEIVADDNPILNTTTLDDYDYDDFQPPVVKRPD
IGESSSSVNPTFFAAESSTRASHTSNNTPNTPSKRVITIKTTIKGIWKYDYRQPLYDLVHTTNLLVTHTYAFTKYIFLKE
LATDENFAFNELITKDFFVEVFLSLVSAKAGNSERLKDTTKRYRSLIGKHKDAYFEDAKYTPISLAYAQQIALYECAKVQ
TAYFNNMKAHFGNRLRALINKLFKKKEKVESLTKEMEANNFSIKEIKQAIRKNVYQPCNQVKLAITKKNMPESGLLDDKS
VTQLNEFFSMYAVDYTFQKESIFYDVVANPEKHFKAFYKLAQLSEAYEVKPFACFPLRRTFIPCYMTVDSKILNYHILKN
KKVLKMDEKFNAWGRVVNLERKAFKSQGCKKTLHFQGTLETDGVGVSILKQNTDTNRKSVMPKKPLEDIDDETKYIEKLE
DAELKQTLGKCVLMDPGRRDLLYCMKETSRADKKEIMIFTKNDRSKCSRHFRRLRKLLQPSQIREAETYLSGFATKSVNM
EKFVEYIQARASVKDILYEYYGNETAKSITEFYPESQFDFKVDQKCNLYYENLFVAKIRGFYPQPEHEPNDITLKSHMYH
TYLQIMLNQKHISERLNSEKRRKIEDLAKAILEQPHESGHKTTISSLLGKLRLLPFRKMKFSTKLFSDNNDRKLVKNIKK
KFGADAVLVLGNWSAPNTKYQDPTRNKGLRRMLKKNGFPLYLIDEFRTSSFCPKCESDLEKFKVIPNPRPHNQEKQPKVL
CHGLLRCKNMSCLEQQTSEGNQRLWNRDQAAVLNFRKILNCLRETKQRPPLFSREPSKN
;
P
4 'polydeoxyribonucleotide'
;(DG)(DT)(DC)(DA)(DA)(DA)(DA)(DG)(DG)(DA)(DA)(DA)(DT)(DT)(DA)(DG)(DT)(DT)(DT)(DT)
(DT)(DG)(DA)(DA)(DC)(DG)(DA)(DG)(DC)(DT)(DC)(DT)(DG)(DT)(DT)(DT)(DG)(DC)(DT)(DG)
(DG)(DA)(DT)(DG)(DT)(DT)(DT)(DA)(DT)(DC)(DC)(DC)(DG)(DG)(DG)(DT)(DA)
;
T
5 'polyribonucleotide' UUAUCCACCAAAGUUAUCGCUUUGGUCAAUUAAUGCAGGUAAGCAACAUCCAGCAAACAGA W
6 'polydeoxyribonucleotide' (DA)(DA)(DA)(DA)(DA)(DA)(DA)(DA)(DA)(DA)(DA) X
7 'polydeoxyribonucleotide' (DT)(DT)(DT)(DT)(DT)(DT)(DT)(DT)(DT)(DT)(DT)(DT) Y
#
loop_
_chem_comp.id
_chem_comp.type
_chem_comp.name
_chem_comp.formula
A RNA linking ADENOSINE-5'-MONOPHOSPHATE 'C10 H14 N5 O7 P'
C RNA linking CYTIDINE-5'-MONOPHOSPHATE 'C9 H14 N3 O8 P'
DA DNA linking 2'-DEOXYADENOSINE-5'-MONOPHOSPHATE 'C10 H14 N5 O6 P'
DC DNA linking 2'-DEOXYCYTIDINE-5'-MONOPHOSPHATE 'C9 H14 N3 O7 P'
DG DNA linking 2'-DEOXYGUANOSINE-5'-MONOPHOSPHATE 'C10 H14 N5 O7 P'
DT DNA linking THYMIDINE-5'-MONOPHOSPHATE 'C10 H15 N2 O8 P'
G RNA linking GUANOSINE-5'-MONOPHOSPHATE 'C10 H14 N5 O8 P'
MG non-polymer 'MAGNESIUM ION' 'Mg 2'
U RNA linking URIDINE-5'-MONOPHOSPHATE 'C9 H13 N2 O9 P'
ZN non-polymer 'ZINC ION' 'Zn 2'
#
# COMPACT_ATOMS: atom_id res chain seq x y z
N MET A 1 -48.27 20.75 18.87
CA MET A 1 -48.16 19.69 17.83
C MET A 1 -48.54 20.24 16.46
N SER A 2 -47.52 20.55 15.65
CA SER A 2 -47.76 21.06 14.30
C SER A 2 -48.16 19.90 13.38
N GLN A 3 -48.65 20.27 12.20
CA GLN A 3 -49.08 19.31 11.19
C GLN A 3 -48.32 19.58 9.89
N VAL A 4 -48.10 18.52 9.12
CA VAL A 4 -47.47 18.65 7.81
C VAL A 4 -48.24 17.80 6.80
N TYR A 5 -48.18 18.22 5.54
CA TYR A 5 -48.89 17.56 4.46
C TYR A 5 -47.99 17.43 3.26
N PHE A 6 -48.22 16.35 2.48
CA PHE A 6 -47.49 16.05 1.27
C PHE A 6 -48.46 15.83 0.12
N ASP A 7 -48.03 16.14 -1.09
CA ASP A 7 -48.79 15.85 -2.30
C ASP A 7 -48.09 14.71 -3.03
N VAL A 8 -48.85 13.67 -3.38
CA VAL A 8 -48.31 12.44 -3.96
C VAL A 8 -48.73 12.39 -5.43
N GLU A 9 -47.75 12.19 -6.30
CA GLU A 9 -47.98 12.07 -7.74
C GLU A 9 -47.33 10.79 -8.24
N ALA A 10 -48.10 10.01 -9.00
CA ALA A 10 -47.62 8.78 -9.61
C ALA A 10 -47.54 8.99 -11.11
N ASP A 11 -46.34 8.83 -11.67
CA ASP A 11 -46.12 8.98 -13.11
C ASP A 11 -46.61 10.34 -13.59
N GLY A 12 -46.40 11.37 -12.78
CA GLY A 12 -46.79 12.72 -13.13
C GLY A 12 -48.26 13.05 -12.90
N GLN A 13 -49.06 12.10 -12.41
CA GLN A 13 -50.46 12.33 -12.16
C GLN A 13 -50.72 12.38 -10.66
N PRO A 14 -51.21 13.48 -10.11
CA PRO A 14 -51.52 13.50 -8.68
C PRO A 14 -52.55 12.44 -8.33
N ILE A 15 -52.38 11.84 -7.16
CA ILE A 15 -53.28 10.77 -6.71
C ILE A 15 -53.92 11.07 -5.36
N GLY A 16 -53.38 11.98 -4.56
CA GLY A 16 -53.99 12.32 -3.30
C GLY A 16 -53.02 13.06 -2.40
N ARG A 17 -53.49 13.33 -1.17
CA ARG A 17 -52.73 14.04 -0.16
C ARG A 17 -52.81 13.30 1.16
N VAL A 18 -51.74 13.40 1.94
CA VAL A 18 -51.64 12.78 3.26
C VAL A 18 -51.31 13.87 4.27
N VAL A 19 -52.04 13.88 5.39
CA VAL A 19 -51.89 14.89 6.42
C VAL A 19 -51.32 14.23 7.66
N PHE A 20 -50.26 14.81 8.21
CA PHE A 20 -49.56 14.26 9.36
C PHE A 20 -49.64 15.22 10.54
N LYS A 21 -49.56 14.66 11.74
CA LYS A 21 -49.53 15.41 12.98
C LYS A 21 -48.29 14.97 13.75
N LEU A 22 -47.47 15.94 14.15
CA LEU A 22 -46.16 15.68 14.73
C LEU A 22 -46.22 15.80 16.26
N TYR A 23 -45.47 14.93 16.93
CA TYR A 23 -45.38 14.96 18.39
C TYR A 23 -44.25 15.89 18.82
N ASN A 24 -44.48 17.18 18.58
CA ASN A 24 -43.48 18.18 18.93
C ASN A 24 -43.21 18.22 20.43
N ASP A 25 -44.27 18.11 21.23
CA ASP A 25 -44.14 18.18 22.68
C ASP A 25 -43.47 16.96 23.27
N ILE A 26 -43.32 15.87 22.51
CA ILE A 26 -42.75 14.63 23.01
C ILE A 26 -41.35 14.39 22.43
N VAL A 27 -41.17 14.65 21.15
CA VAL A 27 -39.88 14.43 20.47
C VAL A 27 -39.51 15.72 19.75
N PRO A 28 -39.08 16.77 20.46
CA PRO A 28 -38.87 18.07 19.81
C PRO A 28 -37.83 18.05 18.70
N LYS A 29 -36.70 17.35 18.90
CA LYS A 29 -35.61 17.42 17.94
C LYS A 29 -35.97 16.73 16.63
N THR A 30 -36.49 15.51 16.70
CA THR A 30 -36.87 14.80 15.47
C THR A 30 -37.99 15.52 14.76
N ALA A 31 -38.97 16.03 15.52
CA ALA A 31 -40.06 16.77 14.90
C ALA A 31 -39.55 18.02 14.20
N GLU A 32 -38.61 18.74 14.84
CA GLU A 32 -38.04 19.93 14.22
C GLU A 32 -37.29 19.57 12.94
N ASN A 33 -36.52 18.48 12.97
CA ASN A 33 -35.80 18.07 11.77
C ASN A 33 -36.77 17.72 10.64
N PHE A 34 -37.84 16.99 10.96
CA PHE A 34 -38.81 16.63 9.94
C PHE A 34 -39.51 17.88 9.39
N ARG A 35 -39.86 18.83 10.27
CA ARG A 35 -40.50 20.06 9.82
C ARG A 35 -39.57 20.84 8.90
N ALA A 36 -38.28 20.93 9.26
CA ALA A 36 -37.33 21.65 8.41
C ALA A 36 -37.21 20.97 7.05
N LEU A 37 -37.12 19.64 7.03
CA LEU A 37 -37.04 18.94 5.75
C LEU A 37 -38.31 19.15 4.92
N CYS A 38 -39.47 19.17 5.56
CA CYS A 38 -40.73 19.40 4.85
C CYS A 38 -40.86 20.81 4.30
N THR A 39 -40.36 21.82 5.02
CA THR A 39 -40.48 23.20 4.59
C THR A 39 -39.35 23.68 3.69
N GLY A 40 -38.24 22.94 3.62
CA GLY A 40 -37.14 23.35 2.77
C GLY A 40 -36.43 24.60 3.21
N GLU A 41 -36.48 24.92 4.51
CA GLU A 41 -35.82 26.13 5.00
C GLU A 41 -34.31 26.02 4.84
N LYS A 42 -33.75 24.83 5.04
CA LYS A 42 -32.31 24.62 5.03
C LYS A 42 -31.74 24.46 3.62
N GLY A 43 -32.50 24.83 2.58
CA GLY A 43 -32.04 24.70 1.21
C GLY A 43 -32.23 23.33 0.60
N PHE A 44 -32.75 22.37 1.36
CA PHE A 44 -33.01 21.03 0.85
C PHE A 44 -34.21 20.44 1.58
N GLY A 45 -34.95 19.58 0.88
CA GLY A 45 -36.16 19.02 1.46
C GLY A 45 -36.60 17.80 0.68
N TYR A 46 -37.77 17.28 1.08
CA TYR A 46 -38.34 16.09 0.48
C TYR A 46 -38.95 16.35 -0.90
N ALA A 47 -39.02 17.61 -1.34
CA ALA A 47 -39.60 17.93 -2.64
C ALA A 47 -38.94 17.09 -3.73
N GLY A 48 -39.75 16.24 -4.37
CA GLY A 48 -39.26 15.36 -5.40
C GLY A 48 -38.70 14.04 -4.91
N SER A 49 -38.64 13.83 -3.59
CA SER A 49 -38.09 12.58 -3.07
C SER A 49 -39.06 11.43 -3.35
N PRO A 50 -38.62 10.34 -3.96
CA PRO A 50 -39.50 9.22 -4.25
C PRO A 50 -39.68 8.28 -3.07
N PHE A 51 -40.79 7.53 -3.13
CA PHE A 51 -41.03 6.44 -2.18
C PHE A 51 -40.39 5.19 -2.77
N HIS A 52 -39.21 4.85 -2.24
CA HIS A 52 -38.39 3.81 -2.84
C HIS A 52 -38.65 2.43 -2.26
N ARG A 53 -39.54 2.29 -1.28
CA ARG A 53 -39.75 1.00 -0.63
C ARG A 53 -41.15 0.97 -0.02
N VAL A 54 -42.09 0.32 -0.71
CA VAL A 54 -43.44 0.12 -0.22
C VAL A 54 -43.70 -1.38 -0.14
N ILE A 55 -43.84 -1.89 1.07
CA ILE A 55 -44.11 -3.31 1.32
C ILE A 55 -45.57 -3.44 1.71
N PRO A 56 -46.41 -4.09 0.90
CA PRO A 56 -47.84 -4.12 1.18
C PRO A 56 -48.15 -4.77 2.51
N ASP A 57 -49.14 -4.23 3.22
CA ASP A 57 -49.55 -4.63 4.56
C ASP A 57 -48.47 -4.39 5.61
N PHE A 58 -47.28 -3.92 5.23
CA PHE A 58 -46.21 -3.71 6.20
C PHE A 58 -45.86 -2.24 6.38
N MET A 59 -45.58 -1.51 5.30
CA MET A 59 -44.99 -0.20 5.51
C MET A 59 -44.86 0.54 4.17
N LEU A 60 -44.79 1.86 4.27
CA LEU A 60 -44.30 2.72 3.19
C LEU A 60 -43.06 3.43 3.70
N GLN A 61 -42.10 3.70 2.83
CA GLN A 61 -40.87 4.36 3.23
C GLN A 61 -40.47 5.40 2.19
N GLY A 62 -39.70 6.38 2.64
CA GLY A 62 -39.20 7.42 1.75
C GLY A 62 -38.24 8.36 2.45
N GLY A 63 -38.07 9.56 1.89
CA GLY A 63 -37.23 10.58 2.49
C GLY A 63 -35.82 10.67 1.95
N ASP A 64 -35.46 9.88 0.95
CA ASP A 64 -34.14 9.94 0.34
C ASP A 64 -34.15 10.97 -0.77
N PHE A 65 -33.62 12.16 -0.48
CA PHE A 65 -33.65 13.28 -1.41
C PHE A 65 -32.30 13.54 -2.07
N THR A 66 -31.31 12.67 -1.86
CA THR A 66 -29.99 12.84 -2.43
C THR A 66 -29.60 11.73 -3.42
N ALA A 67 -30.15 10.53 -3.26
CA ALA A 67 -29.85 9.42 -4.17
C ALA A 67 -31.13 8.82 -4.72
N GLY A 68 -32.21 8.87 -3.94
CA GLY A 68 -33.47 8.32 -4.38
C GLY A 68 -33.51 6.81 -4.43
N ASN A 69 -32.57 6.14 -3.73
CA ASN A 69 -32.54 4.69 -3.73
C ASN A 69 -32.26 4.10 -2.35
N GLY A 70 -32.36 4.90 -1.28
CA GLY A 70 -32.15 4.43 0.06
C GLY A 70 -30.74 4.57 0.59
N THR A 71 -29.78 4.92 -0.28
CA THR A 71 -28.40 5.09 0.13
C THR A 71 -28.08 6.52 0.56
N GLY A 72 -29.03 7.44 0.43
CA GLY A 72 -28.83 8.83 0.77
C GLY A 72 -29.74 9.31 1.89
N GLY A 73 -29.51 10.56 2.29
CA GLY A 73 -30.29 11.18 3.35
C GLY A 73 -29.43 11.85 4.39
N LYS A 74 -29.68 13.13 4.65
CA LYS A 74 -28.94 13.89 5.63
C LYS A 74 -29.91 14.70 6.48
N SER A 75 -29.54 14.91 7.74
CA SER A 75 -30.36 15.66 8.68
C SER A 75 -29.85 17.10 8.79
N ILE A 76 -30.67 17.96 9.38
CA ILE A 76 -30.31 19.36 9.53
C ILE A 76 -29.10 19.51 10.45
N TYR A 77 -28.96 18.65 11.45
CA TYR A 77 -27.85 18.72 12.39
C TYR A 77 -26.56 18.18 11.81
N GLY A 78 -26.61 17.52 10.66
CA GLY A 78 -25.41 16.96 10.05
C GLY A 78 -25.67 15.60 9.43
N GLY A 79 -24.64 14.75 9.41
CA GLY A 79 -24.81 13.43 8.81
C GLY A 79 -25.82 12.58 9.57
N LYS A 80 -25.75 12.60 10.89
CA LYS A 80 -26.64 11.80 11.71
C LYS A 80 -26.74 12.44 13.10
N PHE A 81 -27.81 12.09 13.81
CA PHE A 81 -28.03 12.55 15.16
C PHE A 81 -28.47 11.40 16.04
N PRO A 82 -28.19 11.45 17.35
CA PRO A 82 -28.58 10.35 18.23
C PRO A 82 -30.09 10.26 18.38
N ASP A 83 -30.55 9.06 18.74
CA ASP A 83 -31.96 8.86 19.05
C ASP A 83 -32.35 9.70 20.26
N GLU A 84 -33.56 10.25 20.23
CA GLU A 84 -34.01 11.17 21.27
C GLU A 84 -34.69 10.43 22.43
N ASN A 85 -35.77 9.71 22.14
CA ASN A 85 -36.49 8.98 23.17
C ASN A 85 -37.41 7.97 22.49
N PHE A 86 -38.07 7.15 23.30
CA PHE A 86 -38.97 6.10 22.84
C PHE A 86 -40.27 6.12 23.64
N LYS A 87 -40.81 7.32 23.84
CA LYS A 87 -42.05 7.47 24.60
C LYS A 87 -43.27 7.01 23.82
N LYS A 88 -43.12 6.69 22.53
CA LYS A 88 -44.22 6.19 21.70
C LYS A 88 -43.86 4.80 21.19
N HIS A 89 -44.89 4.00 20.96
CA HIS A 89 -44.72 2.61 20.53
C HIS A 89 -45.57 2.36 19.30
N HIS A 90 -45.16 1.35 18.52
CA HIS A 90 -45.86 0.97 17.30
C HIS A 90 -47.04 0.05 17.63
N ASP A 91 -48.06 0.64 18.25
CA ASP A 91 -49.24 -0.10 18.69
C ASP A 91 -50.43 0.05 17.77
N ARG A 92 -50.44 1.05 16.90
CA ARG A 92 -51.57 1.32 16.02
C ARG A 92 -51.05 1.70 14.65
N PRO A 93 -51.84 1.45 13.60
CA PRO A 93 -51.42 1.87 12.25
C PRO A 93 -51.32 3.38 12.14
N GLY A 94 -50.82 3.82 10.99
CA GLY A 94 -50.72 5.24 10.69
C GLY A 94 -49.60 5.97 11.37
N LEU A 95 -48.68 5.27 12.02
CA LEU A 95 -47.61 5.91 12.76
C LEU A 95 -46.43 6.20 11.84
N LEU A 96 -45.87 7.40 11.97
CA LEU A 96 -44.75 7.87 11.18
C LEU A 96 -43.50 7.89 12.07
N SER A 97 -42.48 7.14 11.63
CA SER A 97 -41.26 6.96 12.40
C SER A 97 -40.05 7.14 11.48
N MET A 98 -38.87 7.10 12.08
CA MET A 98 -37.61 7.30 11.37
C MET A 98 -36.94 5.97 11.11
N ALA A 99 -36.48 5.77 9.86
CA ALA A 99 -35.70 4.60 9.51
C ALA A 99 -34.22 4.86 9.79
N ASN A 100 -33.51 3.81 10.22
CA ASN A 100 -32.12 3.96 10.60
C ASN A 100 -31.38 2.66 10.30
N ALA A 101 -30.06 2.77 10.21
CA ALA A 101 -29.18 1.63 10.00
C ALA A 101 -28.54 1.15 11.30
N GLY A 102 -29.21 1.39 12.42
CA GLY A 102 -28.68 1.02 13.72
C GLY A 102 -28.81 2.16 14.71
N PRO A 103 -28.35 1.94 15.94
CA PRO A 103 -28.44 3.00 16.96
C PRO A 103 -27.68 4.24 16.53
N ASN A 104 -28.25 5.40 16.85
CA ASN A 104 -27.62 6.70 16.60
C ASN A 104 -27.20 6.84 15.14
N THR A 105 -28.08 6.43 14.22
CA THR A 105 -27.86 6.60 12.78
C THR A 105 -29.06 7.24 12.10
N ASN A 106 -29.84 8.03 12.83
CA ASN A 106 -31.01 8.68 12.25
C ASN A 106 -30.59 9.70 11.20
N GLY A 107 -31.36 9.77 10.12
CA GLY A 107 -31.11 10.74 9.06
C GLY A 107 -32.36 11.44 8.62
N SER A 108 -32.65 11.41 7.31
CA SER A 108 -33.83 12.04 6.75
C SER A 108 -34.89 11.04 6.30
N GLN A 109 -34.52 9.76 6.14
CA GLN A 109 -35.49 8.77 5.70
C GLN A 109 -36.54 8.52 6.78
N PHE A 110 -37.79 8.39 6.35
CA PHE A 110 -38.92 8.17 7.24
C PHE A 110 -39.76 7.04 6.69
N PHE A 111 -40.68 6.54 7.51
CA PHE A 111 -41.60 5.51 7.07
C PHE A 111 -42.91 5.61 7.83
N ILE A 112 -43.96 5.08 7.21
CA ILE A 112 -45.31 5.06 7.77
C ILE A 112 -45.75 3.61 7.87
N THR A 113 -46.28 3.24 9.03
CA THR A 113 -46.70 1.87 9.31
C THR A 113 -48.20 1.72 9.06
N THR A 114 -48.57 0.72 8.26
CA THR A 114 -49.97 0.43 7.96
C THR A 114 -50.57 -0.60 8.90
N VAL A 115 -49.75 -1.32 9.66
CA VAL A 115 -50.23 -2.30 10.63
C VAL A 115 -49.38 -2.22 11.89
N PRO A 116 -49.90 -2.71 13.02
CA PRO A 116 -49.10 -2.71 14.25
C PRO A 116 -47.80 -3.46 14.06
N CYS A 117 -46.73 -2.92 14.62
CA CYS A 117 -45.39 -3.51 14.53
C CYS A 117 -44.78 -3.55 15.92
N PRO A 118 -45.28 -4.43 16.80
CA PRO A 118 -44.71 -4.50 18.16
C PRO A 118 -43.26 -4.90 18.19
N TRP A 119 -42.76 -5.55 17.13
CA TRP A 119 -41.36 -5.97 17.09
C TRP A 119 -40.39 -4.83 16.82
N LEU A 120 -40.89 -3.67 16.41
CA LEU A 120 -40.05 -2.51 16.13
C LEU A 120 -39.88 -1.59 17.34
N ASP A 121 -40.51 -1.91 18.46
CA ASP A 121 -40.39 -1.06 19.65
C ASP A 121 -38.96 -1.11 20.18
N GLY A 122 -38.44 0.07 20.52
CA GLY A 122 -37.09 0.19 21.04
C GLY A 122 -36.01 0.25 19.97
N LYS A 123 -36.37 0.10 18.70
CA LYS A 123 -35.40 0.14 17.61
C LYS A 123 -35.51 1.41 16.77
N HIS A 124 -36.69 2.02 16.71
CA HIS A 124 -36.90 3.23 15.92
C HIS A 124 -37.77 4.19 16.71
N VAL A 125 -37.67 5.46 16.36
CA VAL A 125 -38.39 6.53 17.05
C VAL A 125 -39.66 6.86 16.29
N VAL A 126 -40.79 6.89 17.00
CA VAL A 126 -42.08 7.25 16.43
C VAL A 126 -42.33 8.71 16.77
N PHE A 127 -42.62 9.52 15.74
CA PHE A 127 -42.79 10.95 15.96
C PHE A 127 -43.95 11.55 15.20
N GLY A 128 -44.80 10.75 14.56
CA GLY A 128 -45.95 11.35 13.89
C GLY A 128 -47.09 10.37 13.78
N GLU A 129 -48.27 10.91 13.46
CA GLU A 129 -49.44 10.10 13.20
C GLU A 129 -50.22 10.68 12.04
N VAL A 130 -50.74 9.81 11.19
CA VAL A 130 -51.53 10.25 10.03
C VAL A 130 -52.93 10.61 10.51
N VAL A 131 -53.33 11.85 10.25
CA VAL A 131 -54.64 12.33 10.67
C VAL A 131 -55.66 12.32 9.53
N ASP A 132 -55.22 12.47 8.29
CA ASP A 132 -56.11 12.43 7.14
C ASP A 132 -55.34 11.87 5.96
N GLY A 133 -56.09 11.37 4.97
CA GLY A 133 -55.49 10.78 3.80
C GLY A 133 -55.04 9.34 3.95
N TYR A 134 -55.43 8.67 5.04
CA TYR A 134 -55.08 7.26 5.19
C TYR A 134 -55.61 6.43 4.04
N ASP A 135 -56.72 6.85 3.44
CA ASP A 135 -57.20 6.18 2.24
C ASP A 135 -56.18 6.29 1.11
N ILE A 136 -55.55 7.46 0.98
CA ILE A 136 -54.49 7.62 -0.02
C ILE A 136 -53.30 6.73 0.33
N VAL A 137 -53.01 6.57 1.62
CA VAL A 137 -51.92 5.69 2.03
C VAL A 137 -52.21 4.26 1.60
N LYS A 138 -53.44 3.78 1.82
CA LYS A 138 -53.81 2.45 1.38
C LYS A 138 -53.78 2.33 -0.14
N LYS A 139 -54.21 3.39 -0.83
CA LYS A 139 -54.18 3.38 -2.30
C LYS A 139 -52.76 3.23 -2.81
N VAL A 140 -51.81 3.96 -2.22
CA VAL A 140 -50.41 3.84 -2.61
C VAL A 140 -49.88 2.45 -2.25
N GLU A 141 -50.25 1.95 -1.06
CA GLU A 141 -49.79 0.63 -0.64
C GLU A 141 -50.25 -0.46 -1.60
N SER A 142 -51.46 -0.33 -2.14
CA SER A 142 -51.95 -1.34 -3.08
C SER A 142 -51.05 -1.49 -4.30
N LEU A 143 -50.27 -0.46 -4.62
CA LEU A 143 -49.34 -0.50 -5.74
C LEU A 143 -47.98 -1.07 -5.37
N GLY A 144 -47.76 -1.41 -4.09
CA GLY A 144 -46.48 -1.91 -3.65
C GLY A 144 -46.31 -3.39 -3.94
N SER A 145 -45.12 -3.88 -3.63
CA SER A 145 -44.76 -5.28 -3.84
C SER A 145 -44.04 -5.78 -2.60
N PRO A 146 -44.01 -7.10 -2.38
CA PRO A 146 -43.32 -7.61 -1.18
C PRO A 146 -41.86 -7.19 -1.11
N SER A 147 -41.16 -7.12 -2.24
CA SER A 147 -39.76 -6.74 -2.25
C SER A 147 -39.55 -5.25 -2.02
N GLY A 148 -40.61 -4.45 -2.03
CA GLY A 148 -40.53 -3.02 -1.85
C GLY A 148 -40.52 -2.22 -3.13
N ALA A 149 -40.28 -2.86 -4.27
CA ALA A 149 -40.30 -2.16 -5.54
C ALA A 149 -41.71 -1.72 -5.87
N THR A 150 -41.85 -0.46 -6.32
CA THR A 150 -43.14 0.11 -6.65
C THR A 150 -43.46 -0.13 -8.13
N LYS A 151 -44.72 -0.48 -8.40
CA LYS A 151 -45.16 -0.69 -9.77
C LYS A 151 -45.09 0.59 -10.60
N ALA A 152 -45.06 1.76 -9.97
CA ALA A 152 -44.94 3.02 -10.67
C ALA A 152 -44.17 4.00 -9.80
N ARG A 153 -43.59 5.00 -10.44
CA ARG A 153 -42.77 5.99 -9.75
C ARG A 153 -43.69 6.92 -8.95
N ILE A 154 -43.56 6.88 -7.62
CA ILE A 154 -44.35 7.71 -6.72
C ILE A 154 -43.40 8.68 -6.03
N VAL A 155 -43.67 9.97 -6.17
CA VAL A 155 -42.81 11.01 -5.63
C VAL A 155 -43.66 12.06 -4.93
N VAL A 156 -43.01 12.82 -4.04
CA VAL A 156 -43.65 13.93 -3.35
C VAL A 156 -43.37 15.19 -4.14
N ALA A 157 -44.43 15.80 -4.69
CA ALA A 157 -44.28 16.98 -5.52
C ALA A 157 -44.25 18.26 -4.70
N LYS A 158 -45.13 18.37 -3.71
CA LYS A 158 -45.18 19.54 -2.85
C LYS A 158 -45.31 19.09 -1.40
N SER A 159 -44.85 19.95 -0.49
CA SER A 159 -44.97 19.69 0.93
C SER A 159 -45.24 21.01 1.64
N GLY A 160 -45.89 20.93 2.80
CA GLY A 160 -46.22 22.14 3.52
C GLY A 160 -46.53 21.84 4.98
N GLU A 161 -46.64 22.92 5.74
CA GLU A 161 -46.91 22.85 7.17
C GLU A 161 -48.15 23.65 7.52
N LEU A 162 -48.87 23.20 8.53
CA LEU A 162 -50.07 23.87 9.02
C LEU A 162 -50.14 23.77 10.53
N PRO C 512 22.97 28.67 -8.04
CA PRO C 512 22.37 28.57 -6.70
C PRO C 512 21.95 27.14 -6.35
N SER C 513 21.67 26.91 -5.07
CA SER C 513 21.26 25.58 -4.62
C SER C 513 19.95 25.16 -5.27
N LYS C 514 19.84 23.86 -5.54
CA LYS C 514 18.69 23.30 -6.23
C LYS C 514 17.93 22.36 -5.31
N ARG C 515 16.60 22.50 -5.29
CA ARG C 515 15.72 21.61 -4.55
C ARG C 515 14.58 21.17 -5.46
N VAL C 516 14.11 19.95 -5.25
CA VAL C 516 13.01 19.37 -6.02
C VAL C 516 11.95 18.88 -5.05
N ILE C 517 10.70 19.28 -5.27
CA ILE C 517 9.56 18.84 -4.47
C ILE C 517 8.56 18.16 -5.39
N THR C 518 8.07 17.00 -4.98
CA THR C 518 7.14 16.21 -5.77
C THR C 518 5.77 16.19 -5.09
N ILE C 519 4.72 16.37 -5.89
CA ILE C 519 3.35 16.35 -5.41
C ILE C 519 2.61 15.24 -6.15
N LYS C 520 1.91 14.40 -5.41
CA LYS C 520 1.21 13.26 -5.99
C LYS C 520 -0.26 13.58 -6.22
N THR C 521 -0.81 12.99 -7.28
CA THR C 521 -2.22 13.15 -7.63
C THR C 521 -2.63 11.97 -8.51
N THR C 522 -3.82 12.05 -9.09
CA THR C 522 -4.36 10.97 -9.90
C THR C 522 -4.68 11.47 -11.30
N ILE C 523 -4.63 10.54 -12.26
CA ILE C 523 -4.94 10.88 -13.65
C ILE C 523 -6.39 11.34 -13.76
N LYS C 524 -7.31 10.65 -13.07
CA LYS C 524 -8.72 10.97 -13.18
C LYS C 524 -9.04 12.39 -12.74
N GLY C 525 -8.15 13.01 -11.96
CA GLY C 525 -8.41 14.33 -11.44
C GLY C 525 -7.96 15.46 -12.34
N ILE C 526 -6.74 15.37 -12.87
CA ILE C 526 -6.15 16.47 -13.63
C ILE C 526 -6.15 16.22 -15.14
N TRP C 527 -6.25 14.97 -15.59
CA TRP C 527 -6.10 14.65 -17.00
C TRP C 527 -7.44 14.75 -17.72
N LYS C 528 -7.45 15.45 -18.85
CA LYS C 528 -8.66 15.56 -19.65
C LYS C 528 -9.03 14.20 -20.24
N TYR C 529 -10.33 13.90 -20.26
CA TYR C 529 -10.79 12.61 -20.74
C TYR C 529 -10.43 12.39 -22.20
N ASP C 530 -10.28 13.47 -22.97
CA ASP C 530 -10.03 13.33 -24.40
C ASP C 530 -8.68 12.68 -24.68
N TYR C 531 -7.69 12.88 -23.81
CA TYR C 531 -6.33 12.42 -24.03
C TYR C 531 -5.90 11.43 -22.94
N ARG C 532 -6.76 10.47 -22.63
CA ARG C 532 -6.43 9.46 -21.62
C ARG C 532 -5.94 8.16 -22.25
N GLN C 533 -6.63 7.66 -23.27
CA GLN C 533 -6.19 6.42 -23.91
C GLN C 533 -4.78 6.52 -24.48
N PRO C 534 -4.39 7.61 -25.16
CA PRO C 534 -3.01 7.71 -25.62
C PRO C 534 -2.00 7.58 -24.49
N LEU C 535 -2.31 8.15 -23.31
CA LEU C 535 -1.41 8.01 -22.17
C LEU C 535 -1.28 6.55 -21.75
N TYR C 536 -2.39 5.82 -21.72
CA TYR C 536 -2.34 4.41 -21.36
C TYR C 536 -1.49 3.63 -22.35
N ASP C 537 -1.70 3.86 -23.64
CA ASP C 537 -0.92 3.15 -24.65
C ASP C 537 0.56 3.47 -24.53
N LEU C 538 0.88 4.75 -24.32
CA LEU C 538 2.28 5.13 -24.17
C LEU C 538 2.90 4.49 -22.94
N VAL C 539 2.18 4.45 -21.83
CA VAL C 539 2.72 3.86 -20.60
C VAL C 539 2.98 2.38 -20.81
N HIS C 540 2.01 1.67 -21.39
CA HIS C 540 2.19 0.23 -21.61
C HIS C 540 3.38 -0.03 -22.54
N THR C 541 3.46 0.72 -23.64
CA THR C 541 4.56 0.51 -24.59
C THR C 541 5.90 0.82 -23.94
N THR C 542 5.99 1.91 -23.18
CA THR C 542 7.24 2.27 -22.55
C THR C 542 7.67 1.23 -21.53
N ASN C 543 6.73 0.75 -20.71
CA ASN C 543 7.07 -0.26 -19.72
C ASN C 543 7.55 -1.54 -20.39
N LEU C 544 6.84 -2.00 -21.43
CA LEU C 544 7.26 -3.21 -22.12
C LEU C 544 8.63 -3.03 -22.76
N LEU C 545 8.86 -1.86 -23.38
CA LEU C 545 10.16 -1.62 -24.01
C LEU C 545 11.28 -1.57 -22.99
N VAL C 546 11.03 -0.98 -21.81
CA VAL C 546 12.06 -0.93 -20.77
C VAL C 546 12.38 -2.33 -20.26
N THR C 547 11.34 -3.13 -20.02
CA THR C 547 11.58 -4.50 -19.57
C THR C 547 12.38 -5.28 -20.60
N HIS C 548 11.99 -5.19 -21.86
CA HIS C 548 12.75 -5.87 -22.91
C HIS C 548 14.15 -5.30 -23.06
N THR C 549 14.35 -4.01 -22.80
CA THR C 549 15.68 -3.43 -22.85
C THR C 549 16.57 -4.04 -21.78
N TYR C 550 16.08 -4.14 -20.55
CA TYR C 550 16.84 -4.80 -19.50
C TYR C 550 17.18 -6.24 -19.89
N ALA C 551 16.16 -6.98 -20.33
CA ALA C 551 16.37 -8.39 -20.68
C ALA C 551 17.38 -8.55 -21.80
N PHE C 552 17.26 -7.72 -22.85
CA PHE C 552 18.14 -7.84 -24.00
C PHE C 552 19.56 -7.40 -23.66
N THR C 553 19.71 -6.38 -22.83
CA THR C 553 21.03 -5.98 -22.39
C THR C 553 21.72 -7.10 -21.63
N LYS C 554 21.00 -7.72 -20.69
CA LYS C 554 21.60 -8.84 -19.97
C LYS C 554 21.90 -10.00 -20.91
N TYR C 555 21.01 -10.27 -21.87
CA TYR C 555 21.24 -11.33 -22.83
C TYR C 555 22.51 -11.09 -23.63
N ILE C 556 22.70 -9.87 -24.13
CA ILE C 556 23.89 -9.54 -24.91
C ILE C 556 25.14 -9.69 -24.05
N PHE C 557 25.10 -9.16 -22.82
CA PHE C 557 26.27 -9.22 -21.96
C PHE C 557 26.65 -10.68 -21.67
N LEU C 558 25.66 -11.51 -21.36
CA LEU C 558 25.97 -12.91 -21.05
C LEU C 558 26.41 -13.67 -22.30
N LYS C 559 25.84 -13.38 -23.46
CA LYS C 559 26.28 -14.02 -24.69
C LYS C 559 27.73 -13.68 -25.00
N GLU C 560 28.09 -12.40 -24.87
CA GLU C 560 29.45 -11.98 -25.20
C GLU C 560 30.45 -12.52 -24.18
N LEU C 561 30.10 -12.45 -22.88
CA LEU C 561 31.02 -12.91 -21.85
C LEU C 561 31.09 -14.44 -21.77
N ALA C 562 30.10 -15.15 -22.31
CA ALA C 562 30.08 -16.60 -22.26
C ALA C 562 30.85 -17.25 -23.41
N THR C 563 31.32 -16.47 -24.38
CA THR C 563 32.04 -16.98 -25.53
C THR C 563 33.51 -16.57 -25.54
N ASP C 564 33.82 -15.36 -25.11
CA ASP C 564 35.20 -14.88 -25.06
C ASP C 564 35.34 -13.94 -23.88
N GLU C 565 36.33 -14.20 -23.03
CA GLU C 565 36.56 -13.38 -21.84
C GLU C 565 37.36 -12.13 -22.13
N ASN C 566 37.86 -11.94 -23.35
CA ASN C 566 38.57 -10.73 -23.71
C ASN C 566 37.64 -9.61 -24.15
N PHE C 567 36.33 -9.86 -24.19
CA PHE C 567 35.38 -8.84 -24.62
C PHE C 567 35.47 -7.61 -23.72
N ALA C 568 35.47 -6.43 -24.36
CA ALA C 568 35.58 -5.16 -23.64
C ALA C 568 34.20 -4.79 -23.11
N PHE C 569 33.85 -5.41 -21.97
CA PHE C 569 32.52 -5.20 -21.40
C PHE C 569 32.46 -3.98 -20.49
N ASN C 570 33.61 -3.56 -19.93
CA ASN C 570 33.59 -2.44 -19.00
C ASN C 570 33.11 -1.15 -19.65
N GLU C 571 33.56 -0.88 -20.88
CA GLU C 571 33.26 0.37 -21.54
C GLU C 571 31.85 0.45 -22.10
N LEU C 572 31.11 -0.66 -22.13
CA LEU C 572 29.78 -0.67 -22.70
C LEU C 572 28.69 -0.32 -21.69
N ILE C 573 29.03 -0.12 -20.43
CA ILE C 573 28.03 0.23 -19.40
C ILE C 573 27.93 1.76 -19.43
N THR C 574 27.12 2.25 -20.36
CA THR C 574 26.89 3.67 -20.50
C THR C 574 25.52 3.88 -21.15
N LYS C 575 24.97 5.08 -20.96
CA LYS C 575 23.67 5.40 -21.54
C LYS C 575 23.69 5.38 -23.06
N ASP C 576 24.85 5.68 -23.67
CA ASP C 576 24.92 5.72 -25.12
C ASP C 576 24.64 4.36 -25.76
N PHE C 577 24.98 3.27 -25.07
CA PHE C 577 24.69 1.93 -25.55
C PHE C 577 23.29 1.46 -25.18
N PHE C 578 22.84 1.80 -23.97
CA PHE C 578 21.47 1.45 -23.58
C PHE C 578 20.44 2.12 -24.49
N VAL C 579 20.73 3.34 -24.95
CA VAL C 579 19.81 4.03 -25.85
C VAL C 579 19.66 3.26 -27.15
N GLU C 580 20.78 2.80 -27.70
CA GLU C 580 20.71 2.00 -28.93
C GLU C 580 19.99 0.68 -28.69
N VAL C 581 20.23 0.06 -27.54
CA VAL C 581 19.52 -1.18 -27.22
C VAL C 581 18.02 -0.93 -27.17
N PHE C 582 17.60 0.15 -26.52
CA PHE C 582 16.18 0.49 -26.44
C PHE C 582 15.61 0.76 -27.83
N LEU C 583 16.34 1.51 -28.67
CA LEU C 583 15.82 1.85 -29.98
C LEU C 583 15.75 0.63 -30.90
N SER C 584 16.61 -0.36 -30.68
CA SER C 584 16.58 -1.57 -31.51
C SER C 584 15.26 -2.31 -31.36
N LEU C 585 14.53 -2.08 -30.27
CA LEU C 585 13.22 -2.71 -30.06
C LEU C 585 12.08 -1.92 -30.67
N VAL C 586 12.36 -0.78 -31.30
CA VAL C 586 11.35 0.08 -31.88
C VAL C 586 11.59 0.18 -33.39
N SER C 587 10.51 0.08 -34.15
CA SER C 587 10.56 0.17 -35.61
C SER C 587 10.24 1.59 -36.04
N ALA C 588 11.15 2.18 -36.83
CA ALA C 588 10.97 3.53 -37.31
C ALA C 588 11.71 3.68 -38.64
N LYS C 589 11.35 4.73 -39.37
CA LYS C 589 11.98 4.98 -40.67
C LYS C 589 13.48 5.22 -40.49
N ALA C 590 14.27 4.59 -41.35
CA ALA C 590 15.71 4.71 -41.26
C ALA C 590 16.17 6.11 -41.64
N GLY C 591 17.24 6.57 -41.00
CA GLY C 591 17.84 7.86 -41.28
C GLY C 591 19.10 7.74 -42.10
N ASN C 592 19.90 8.81 -42.05
CA ASN C 592 21.17 8.85 -42.77
C ASN C 592 22.21 8.07 -41.98
N SER C 593 22.59 6.90 -42.49
CA SER C 593 23.55 6.05 -41.79
C SER C 593 24.95 6.63 -41.78
N GLU C 594 25.33 7.39 -42.82
CA GLU C 594 26.69 7.92 -42.89
C GLU C 594 26.95 9.00 -41.85
N ARG C 595 25.90 9.55 -41.24
CA ARG C 595 26.05 10.57 -40.20
C ARG C 595 26.08 9.98 -38.80
N LEU C 596 25.97 8.65 -38.67
CA LEU C 596 26.01 8.02 -37.36
C LEU C 596 27.39 8.19 -36.73
N LYS C 597 27.40 8.26 -35.40
CA LYS C 597 28.65 8.35 -34.66
C LYS C 597 29.39 7.01 -34.70
N ASP C 598 30.71 7.07 -34.53
CA ASP C 598 31.52 5.86 -34.63
C ASP C 598 31.12 4.84 -33.58
N THR C 599 30.93 5.28 -32.33
CA THR C 599 30.52 4.36 -31.28
C THR C 599 29.12 3.81 -31.54
N THR C 600 28.25 4.63 -32.12
CA THR C 600 26.90 4.19 -32.42
C THR C 600 26.91 3.03 -33.40
N LYS C 601 27.80 3.08 -34.40
CA LYS C 601 27.88 1.99 -35.37
C LYS C 601 28.27 0.68 -34.68
N ARG C 602 29.27 0.72 -33.79
CA ARG C 602 29.68 -0.48 -33.09
C ARG C 602 28.55 -1.00 -32.20
N TYR C 603 27.87 -0.11 -31.50
CA TYR C 603 26.76 -0.53 -30.63
C TYR C 603 25.66 -1.19 -31.46
N ARG C 604 25.32 -0.58 -32.60
CA ARG C 604 24.26 -1.14 -33.45
C ARG C 604 24.67 -2.50 -34.01
N SER C 605 25.92 -2.65 -34.43
CA SER C 605 26.37 -3.95 -34.93
C SER C 605 26.31 -5.00 -33.84
N LEU C 606 26.77 -4.66 -32.63
CA LEU C 606 26.72 -5.62 -31.53
C LEU C 606 25.29 -6.01 -31.21
N ILE C 607 24.37 -5.03 -31.22
CA ILE C 607 22.96 -5.33 -30.96
C ILE C 607 22.41 -6.24 -32.04
N GLY C 608 22.68 -5.93 -33.31
CA GLY C 608 22.15 -6.73 -34.40
C GLY C 608 22.72 -8.13 -34.42
N LYS C 609 23.90 -8.33 -33.84
CA LYS C 609 24.47 -9.67 -33.79
C LYS C 609 23.54 -10.64 -33.07
N HIS C 610 22.71 -10.14 -32.15
CA HIS C 610 21.82 -10.99 -31.36
C HIS C 610 20.36 -10.57 -31.42
N LYS C 611 20.03 -9.53 -32.18
CA LYS C 611 18.64 -9.05 -32.23
C LYS C 611 17.69 -10.17 -32.67
N ASP C 612 18.01 -10.84 -33.77
CA ASP C 612 17.11 -11.87 -34.29
C ASP C 612 16.97 -13.02 -33.31
N ALA C 613 18.07 -13.45 -32.70
CA ALA C 613 18.00 -14.55 -31.73
C ALA C 613 17.17 -14.14 -30.52
N TYR C 614 17.35 -12.93 -30.02
CA TYR C 614 16.60 -12.49 -28.84
C TYR C 614 15.12 -12.38 -29.16
N PHE C 615 14.77 -11.88 -30.35
CA PHE C 615 13.36 -11.79 -30.70
C PHE C 615 12.69 -13.16 -30.71
N GLU C 616 13.37 -14.16 -31.28
CA GLU C 616 12.82 -15.51 -31.26
C GLU C 616 12.73 -16.06 -29.84
N ASP C 617 13.76 -15.81 -29.03
CA ASP C 617 13.75 -16.34 -27.66
C ASP C 617 12.60 -15.75 -26.85
N ALA C 618 12.38 -14.44 -26.97
CA ALA C 618 11.33 -13.77 -26.20
C ALA C 618 10.01 -13.69 -26.95
N LYS C 619 9.94 -14.16 -28.19
CA LYS C 619 8.73 -14.08 -28.99
C LYS C 619 8.19 -12.65 -29.00
N TYR C 620 9.03 -11.74 -29.50
CA TYR C 620 8.74 -10.31 -29.48
C TYR C 620 8.86 -9.75 -30.89
N THR C 621 8.05 -8.73 -31.18
CA THR C 621 8.07 -8.02 -32.44
C THR C 621 8.23 -6.54 -32.18
N PRO C 622 8.96 -5.81 -33.03
CA PRO C 622 9.11 -4.37 -32.81
C PRO C 622 7.77 -3.66 -32.78
N ILE C 623 7.66 -2.66 -31.91
CA ILE C 623 6.44 -1.87 -31.76
C ILE C 623 6.70 -0.50 -32.36
N SER C 624 5.85 -0.10 -33.31
CA SER C 624 6.01 1.19 -33.98
C SER C 624 5.80 2.32 -32.98
N LEU C 625 6.82 3.14 -32.78
CA LEU C 625 6.73 4.25 -31.83
C LEU C 625 7.65 5.36 -32.35
N ALA C 626 7.06 6.34 -33.03
CA ALA C 626 7.83 7.47 -33.53
C ALA C 626 8.20 8.41 -32.38
N TYR C 627 9.31 9.12 -32.55
CA TYR C 627 9.80 10.07 -31.56
C TYR C 627 10.07 9.39 -30.23
N ALA C 628 10.88 8.32 -30.28
CA ALA C 628 11.20 7.53 -29.10
C ALA C 628 12.57 7.88 -28.50
N GLN C 629 13.22 8.94 -28.97
CA GLN C 629 14.56 9.26 -28.49
C GLN C 629 14.52 9.69 -27.02
N GLN C 630 13.61 10.60 -26.68
CA GLN C 630 13.58 11.13 -25.32
C GLN C 630 13.24 10.05 -24.30
N ILE C 631 12.28 9.19 -24.62
CA ILE C 631 11.93 8.10 -23.72
C ILE C 631 13.13 7.19 -23.51
N ALA C 632 13.84 6.88 -24.60
CA ALA C 632 15.03 6.04 -24.49
C ALA C 632 16.07 6.69 -23.57
N LEU C 633 16.31 7.98 -23.74
CA LEU C 633 17.27 8.67 -22.89
C LEU C 633 16.86 8.60 -21.42
N TYR C 634 15.60 8.92 -21.13
CA TYR C 634 15.14 8.95 -19.75
C TYR C 634 15.26 7.58 -19.10
N GLU C 635 14.86 6.53 -19.82
CA GLU C 635 14.89 5.18 -19.22
C GLU C 635 16.32 4.66 -19.10
N CYS C 636 17.18 4.98 -20.07
CA CYS C 636 18.54 4.50 -20.04
C CYS C 636 19.36 5.20 -18.95
N ALA C 637 19.03 6.45 -18.63
CA ALA C 637 19.68 7.10 -17.50
C ALA C 637 19.41 6.31 -16.22
N LYS C 638 18.16 5.91 -16.01
CA LYS C 638 17.83 5.11 -14.83
C LYS C 638 18.49 3.74 -14.87
N VAL C 639 18.58 3.13 -16.06
CA VAL C 639 19.24 1.83 -16.16
C VAL C 639 20.71 1.95 -15.73
N GLN C 640 21.41 2.96 -16.24
CA GLN C 640 22.80 3.17 -15.85
C GLN C 640 22.91 3.44 -14.35
N THR C 641 22.01 4.25 -13.81
CA THR C 641 22.04 4.54 -12.38
C THR C 641 21.87 3.26 -11.57
N ALA C 642 20.94 2.39 -11.99
CA ALA C 642 20.72 1.14 -11.27
C ALA C 642 21.97 0.26 -11.31
N TYR C 643 22.58 0.11 -12.49
CA TYR C 643 23.80 -0.68 -12.59
C TYR C 643 24.87 -0.16 -11.64
N PHE C 644 25.15 1.14 -11.73
CA PHE C 644 26.23 1.72 -10.92
C PHE C 644 25.93 1.59 -9.43
N ASN C 645 24.69 1.88 -9.03
CA ASN C 645 24.34 1.81 -7.62
C ASN C 645 24.47 0.39 -7.10
N ASN C 646 23.97 -0.61 -7.85
CA ASN C 646 24.07 -1.98 -7.40
C ASN C 646 25.53 -2.40 -7.22
N MET C 647 26.37 -2.09 -8.21
CA MET C 647 27.77 -2.46 -8.07
C MET C 647 28.41 -1.77 -6.87
N LYS C 648 28.28 -0.44 -6.79
CA LYS C 648 28.87 0.28 -5.66
C LYS C 648 28.40 -0.30 -4.34
N ALA C 649 27.14 -0.70 -4.25
CA ALA C 649 26.59 -1.16 -3.00
C ALA C 649 27.14 -2.53 -2.59
N HIS C 650 27.18 -3.48 -3.53
CA HIS C 650 27.37 -4.88 -3.15
C HIS C 650 28.68 -5.49 -3.60
N PHE C 651 29.52 -4.77 -4.36
CA PHE C 651 30.76 -5.37 -4.82
C PHE C 651 31.65 -5.77 -3.65
N GLY C 652 31.82 -4.87 -2.69
CA GLY C 652 32.70 -5.16 -1.57
C GLY C 652 32.19 -6.31 -0.72
N ASN C 653 30.89 -6.31 -0.41
CA ASN C 653 30.34 -7.37 0.42
C ASN C 653 30.44 -8.73 -0.27
N ARG C 654 30.12 -8.78 -1.57
CA ARG C 654 30.21 -10.05 -2.27
C ARG C 654 31.66 -10.50 -2.41
N LEU C 655 32.59 -9.55 -2.59
CA LEU C 655 34.00 -9.93 -2.63
C LEU C 655 34.46 -10.50 -1.29
N ARG C 656 34.02 -9.90 -0.18
CA ARG C 656 34.38 -10.44 1.12
C ARG C 656 33.79 -11.84 1.31
N ALA C 657 32.54 -12.04 0.88
CA ALA C 657 31.93 -13.35 0.98
C ALA C 657 32.72 -14.38 0.17
N LEU C 658 33.12 -14.02 -1.04
CA LEU C 658 33.90 -14.93 -1.87
C LEU C 658 35.25 -15.22 -1.22
N ILE C 659 35.89 -14.21 -0.63
CA ILE C 659 37.17 -14.41 0.03
C ILE C 659 37.00 -15.39 1.18
N ASN C 660 35.95 -15.22 1.98
CA ASN C 660 35.70 -16.16 3.07
C ASN C 660 35.47 -17.57 2.54
N LYS C 661 34.71 -17.71 1.45
CA LYS C 661 34.44 -19.04 0.91
C LYS C 661 35.71 -19.69 0.36
N LEU C 662 36.57 -18.91 -0.29
CA LEU C 662 37.80 -19.47 -0.86
C LEU C 662 38.67 -20.09 0.22
N PHE C 663 38.84 -19.39 1.34
CA PHE C 663 39.65 -19.91 2.43
C PHE C 663 38.96 -21.05 3.18
N LYS C 664 37.68 -21.31 2.88
CA LYS C 664 36.93 -22.35 3.58
C LYS C 664 36.87 -22.07 5.08
N LYS C 665 36.43 -20.85 5.41
CA LYS C 665 36.45 -20.41 6.80
C LYS C 665 35.53 -21.28 7.66
N LYS C 666 34.29 -21.47 7.22
CA LYS C 666 33.36 -22.26 8.02
C LYS C 666 33.81 -23.71 8.15
N GLU C 667 34.27 -24.30 7.04
CA GLU C 667 34.70 -25.69 7.07
C GLU C 667 35.90 -25.86 8.01
N LYS C 668 36.88 -24.97 7.91
CA LYS C 668 38.05 -25.06 8.77
C LYS C 668 37.67 -24.85 10.23
N VAL C 669 36.78 -23.89 10.50
CA VAL C 669 36.35 -23.65 11.88
C VAL C 669 35.68 -24.88 12.45
N GLU C 670 34.76 -25.48 11.69
CA GLU C 670 34.06 -26.68 12.17
C GLU C 670 35.04 -27.83 12.39
N SER C 671 35.97 -28.04 11.45
CA SER C 671 36.93 -29.12 11.59
C SER C 671 37.80 -28.93 12.83
N LEU C 672 38.30 -27.70 13.04
CA LEU C 672 39.13 -27.45 14.20
C LEU C 672 38.35 -27.62 15.50
N THR C 673 37.11 -27.13 15.54
CA THR C 673 36.31 -27.27 16.75
C THR C 673 36.05 -28.73 17.06
N LYS C 674 35.69 -29.52 16.05
CA LYS C 674 35.40 -30.93 16.29
C LYS C 674 36.64 -31.75 16.59
N GLU C 675 37.81 -31.32 16.11
CA GLU C 675 39.05 -31.99 16.47
C GLU C 675 39.46 -31.65 17.90
N MET C 676 39.25 -30.40 18.32
CA MET C 676 39.60 -30.00 19.67
C MET C 676 38.62 -30.54 20.71
N GLU C 677 37.37 -30.80 20.31
CA GLU C 677 36.40 -31.36 21.25
C GLU C 677 36.86 -32.72 21.76
N ALA C 678 37.40 -33.56 20.86
CA ALA C 678 37.90 -34.87 21.28
C ALA C 678 39.04 -34.76 22.28
N ASN C 679 39.77 -33.64 22.29
CA ASN C 679 40.87 -33.43 23.22
C ASN C 679 40.45 -32.72 24.49
N ASN C 680 39.17 -32.37 24.63
CA ASN C 680 38.65 -31.77 25.85
C ASN C 680 39.32 -30.43 26.16
N PHE C 681 39.49 -29.61 25.13
CA PHE C 681 40.02 -28.27 25.32
C PHE C 681 38.93 -27.35 25.89
N SER C 682 39.38 -26.28 26.55
CA SER C 682 38.46 -25.33 27.15
C SER C 682 37.89 -24.39 26.09
N ILE C 683 36.86 -23.64 26.49
CA ILE C 683 36.17 -22.76 25.55
C ILE C 683 37.12 -21.68 25.04
N LYS C 684 37.82 -21.00 25.96
CA LYS C 684 38.71 -19.92 25.55
C LYS C 684 39.90 -20.46 24.76
N GLU C 685 40.40 -21.65 25.12
CA GLU C 685 41.47 -22.25 24.34
C GLU C 685 41.03 -22.52 22.91
N ILE C 686 39.81 -23.04 22.74
CA ILE C 686 39.29 -23.29 21.40
C ILE C 686 39.16 -21.98 20.63
N LYS C 687 38.64 -20.94 21.30
CA LYS C 687 38.48 -19.66 20.62
C LYS C 687 39.82 -19.09 20.20
N GLN C 688 40.84 -19.18 21.07
CA GLN C 688 42.16 -18.67 20.73
C GLN C 688 42.77 -19.47 19.58
N ALA C 689 42.60 -20.79 19.59
CA ALA C 689 43.12 -21.60 18.50
C ALA C 689 42.45 -21.24 17.18
N ILE C 690 41.13 -21.03 17.20
CA ILE C 690 40.43 -20.64 15.98
C ILE C 690 40.93 -19.28 15.51
N ARG C 691 41.13 -18.34 16.44
CA ARG C 691 41.56 -17.00 16.06
C ARG C 691 42.95 -17.03 15.42
N LYS C 692 43.88 -17.76 16.02
CA LYS C 692 45.28 -17.72 15.59
C LYS C 692 45.62 -18.81 14.59
N ASN C 693 44.66 -19.65 14.19
CA ASN C 693 44.90 -20.66 13.17
C ASN C 693 44.04 -20.47 11.92
N VAL C 694 42.95 -19.72 12.02
CA VAL C 694 42.02 -19.56 10.90
C VAL C 694 41.84 -18.08 10.60
N TYR C 695 41.45 -17.30 11.61
CA TYR C 695 41.08 -15.90 11.37
C TYR C 695 42.26 -15.08 10.87
N GLN C 696 43.43 -15.24 11.48
CA GLN C 696 44.59 -14.44 11.07
C GLN C 696 45.04 -14.78 9.65
N PRO C 697 45.22 -16.04 9.27
CA PRO C 697 45.51 -16.32 7.85
C PRO C 697 44.43 -15.81 6.91
N CYS C 698 43.16 -15.87 7.34
CA CYS C 698 42.09 -15.35 6.51
C CYS C 698 42.25 -13.85 6.30
N ASN C 699 42.62 -13.12 7.36
CA ASN C 699 42.84 -11.68 7.23
C ASN C 699 44.06 -11.40 6.35
N GLN C 700 45.09 -12.23 6.44
CA GLN C 700 46.23 -12.08 5.54
C GLN C 700 45.81 -12.26 4.09
N VAL C 701 44.96 -13.25 3.81
CA VAL C 701 44.45 -13.45 2.46
C VAL C 701 43.60 -12.25 2.04
N LYS C 702 42.81 -11.71 2.97
CA LYS C 702 42.02 -10.52 2.68
C LYS C 702 42.92 -9.37 2.23
N LEU C 703 44.00 -9.12 2.98
CA LEU C 703 44.91 -8.05 2.62
C LEU C 703 45.55 -8.30 1.27
N ALA C 704 45.99 -9.55 1.03
CA ALA C 704 46.65 -9.86 -0.24
C ALA C 704 45.71 -9.62 -1.41
N ILE C 705 44.46 -10.08 -1.31
CA ILE C 705 43.49 -9.87 -2.38
C ILE C 705 43.16 -8.39 -2.52
N THR C 706 43.11 -7.67 -1.40
CA THR C 706 42.80 -6.23 -1.46
C THR C 706 43.87 -5.47 -2.22
N LYS C 707 45.14 -5.82 -2.02
CA LYS C 707 46.23 -5.13 -2.69
C LYS C 707 46.60 -5.77 -4.02
N LYS C 708 45.77 -6.68 -4.52
CA LYS C 708 45.91 -7.33 -5.83
C LYS C 708 47.06 -8.32 -5.87
N ASN C 709 47.87 -8.43 -4.81
CA ASN C 709 48.99 -9.35 -4.80
C ASN C 709 48.54 -10.71 -4.29
N MET C 710 49.10 -11.77 -4.87
CA MET C 710 48.74 -13.11 -4.45
C MET C 710 49.16 -13.33 -3.00
N PRO C 711 48.37 -14.09 -2.24
CA PRO C 711 48.71 -14.32 -0.83
C PRO C 711 49.95 -15.19 -0.69
N GLU C 712 50.42 -15.31 0.55
CA GLU C 712 51.56 -16.16 0.83
C GLU C 712 51.26 -17.60 0.42
N SER C 713 52.27 -18.26 -0.15
CA SER C 713 52.09 -19.63 -0.62
C SER C 713 51.64 -20.54 0.52
N GLY C 714 50.69 -21.41 0.22
CA GLY C 714 50.17 -22.35 1.18
C GLY C 714 48.90 -21.94 1.87
N LEU C 715 48.51 -20.66 1.79
CA LEU C 715 47.29 -20.21 2.43
C LEU C 715 46.05 -20.64 1.65
N LEU C 716 46.19 -20.97 0.37
CA LEU C 716 45.07 -21.38 -0.46
C LEU C 716 45.49 -22.55 -1.32
N ASP C 717 44.52 -23.38 -1.71
CA ASP C 717 44.78 -24.56 -2.51
C ASP C 717 44.91 -24.18 -3.98
N ASP C 718 45.18 -25.19 -4.81
CA ASP C 718 45.39 -24.93 -6.24
C ASP C 718 44.13 -24.37 -6.90
N LYS C 719 42.96 -24.92 -6.54
CA LYS C 719 41.72 -24.44 -7.14
C LYS C 719 41.47 -22.98 -6.78
N SER C 720 41.68 -22.62 -5.51
CA SER C 720 41.49 -21.23 -5.10
C SER C 720 42.50 -20.32 -5.79
N VAL C 721 43.74 -20.78 -5.95
CA VAL C 721 44.74 -19.97 -6.64
C VAL C 721 44.32 -19.73 -8.09
N THR C 722 43.83 -20.78 -8.75
CA THR C 722 43.38 -20.62 -10.14
C THR C 722 42.19 -19.66 -10.22
N GLN C 723 41.25 -19.77 -9.27
CA GLN C 723 40.11 -18.86 -9.28
C GLN C 723 40.55 -17.41 -9.05
N LEU C 724 41.51 -17.20 -8.15
CA LEU C 724 42.03 -15.86 -7.93
C LEU C 724 42.73 -15.33 -9.17
N ASN C 725 43.49 -16.18 -9.85
CA ASN C 725 44.13 -15.76 -11.09
C ASN C 725 43.09 -15.35 -12.13
N GLU C 726 42.01 -16.14 -12.25
CA GLU C 726 40.94 -15.80 -13.18
C GLU C 726 40.29 -14.47 -12.80
N PHE C 727 40.04 -14.26 -11.50
CA PHE C 727 39.42 -13.01 -11.07
C PHE C 727 40.32 -11.81 -11.38
N PHE C 728 41.62 -11.94 -11.13
CA PHE C 728 42.54 -10.84 -11.38
C PHE C 728 42.83 -10.62 -12.85
N SER C 729 42.62 -11.64 -13.69
CA SER C 729 42.83 -11.46 -15.13
C SER C 729 41.80 -10.53 -15.75
N MET C 730 40.67 -10.31 -15.08
CA MET C 730 39.67 -9.39 -15.62
C MET C 730 40.21 -7.98 -15.72
N TYR C 731 40.95 -7.53 -14.71
CA TYR C 731 41.56 -6.21 -14.73
C TYR C 731 42.78 -6.21 -15.65
N ALA C 732 43.14 -5.02 -16.12
CA ALA C 732 44.32 -4.88 -16.95
C ALA C 732 45.58 -5.23 -16.14
N VAL C 733 46.59 -5.73 -16.86
CA VAL C 733 47.81 -6.17 -16.19
C VAL C 733 48.48 -5.02 -15.46
N ASP C 734 48.57 -3.86 -16.11
CA ASP C 734 49.26 -2.71 -15.52
C ASP C 734 48.37 -1.89 -14.61
N TYR C 735 47.07 -2.15 -14.57
CA TYR C 735 46.17 -1.36 -13.74
C TYR C 735 46.39 -1.69 -12.27
N THR C 736 46.48 -0.66 -11.45
CA THR C 736 46.70 -0.81 -10.01
C THR C 736 45.59 -0.09 -9.25
N PHE C 737 45.06 -0.76 -8.24
CA PHE C 737 43.97 -0.18 -7.45
C PHE C 737 44.45 1.07 -6.72
N GLN C 738 43.61 2.11 -6.74
CA GLN C 738 43.98 3.38 -6.12
C GLN C 738 43.97 3.23 -4.60
N LYS C 739 44.96 3.85 -3.96
CA LYS C 739 45.13 3.79 -2.51
C LYS C 739 45.32 2.37 -2.01
N GLU C 740 45.72 1.45 -2.88
CA GLU C 740 46.01 0.07 -2.50
C GLU C 740 44.82 -0.56 -1.78
N SER C 741 43.62 -0.34 -2.32
CA SER C 741 42.41 -0.88 -1.75
C SER C 741 41.39 -1.08 -2.84
N ILE C 742 41.05 -2.34 -3.13
CA ILE C 742 40.04 -2.63 -4.14
C ILE C 742 38.68 -2.11 -3.68
N PHE C 743 38.37 -2.26 -2.39
CA PHE C 743 37.10 -1.79 -1.86
C PHE C 743 36.93 -0.29 -2.03
N TYR C 744 38.03 0.46 -2.00
CA TYR C 744 38.00 1.89 -2.27
C TYR C 744 38.04 2.22 -3.75
N ASP C 745 38.79 1.45 -4.54
CA ASP C 745 38.87 1.70 -5.97
C ASP C 745 37.52 1.46 -6.66
N VAL C 746 36.74 0.52 -6.14
CA VAL C 746 35.43 0.25 -6.73
C VAL C 746 34.55 1.50 -6.67
N VAL C 747 34.53 2.15 -5.51
CA VAL C 747 33.76 3.38 -5.37
C VAL C 747 34.40 4.52 -6.15
N ALA C 748 35.74 4.61 -6.09
CA ALA C 748 36.42 5.73 -6.73
C ALA C 748 36.31 5.66 -8.25
N ASN C 749 36.59 4.49 -8.83
CA ASN C 749 36.59 4.30 -10.29
C ASN C 749 35.78 3.06 -10.62
N PRO C 750 34.45 3.12 -10.50
CA PRO C 750 33.63 1.95 -10.81
C PRO C 750 33.77 1.45 -12.24
N GLU C 751 34.08 2.34 -13.19
CA GLU C 751 34.00 1.99 -14.60
C GLU C 751 34.80 0.73 -14.93
N LYS C 752 35.94 0.55 -14.26
CA LYS C 752 36.84 -0.56 -14.56
C LYS C 752 36.65 -1.74 -13.61
N HIS C 753 35.41 -1.98 -13.16
CA HIS C 753 35.13 -3.11 -12.29
C HIS C 753 33.95 -3.97 -12.73
N PHE C 754 33.04 -3.45 -13.57
CA PHE C 754 31.83 -4.20 -13.89
C PHE C 754 32.17 -5.60 -14.37
N LYS C 755 33.06 -5.73 -15.35
CA LYS C 755 33.44 -7.04 -15.84
C LYS C 755 33.91 -7.93 -14.68
N ALA C 756 34.84 -7.43 -13.86
CA ALA C 756 35.29 -8.21 -12.72
C ALA C 756 34.12 -8.62 -11.84
N PHE C 757 33.19 -7.69 -11.59
CA PHE C 757 32.02 -8.04 -10.79
C PHE C 757 31.35 -9.28 -11.34
N TYR C 758 31.10 -9.32 -12.66
CA TYR C 758 30.49 -10.50 -13.25
C TYR C 758 31.24 -11.76 -12.86
N LYS C 759 32.56 -11.75 -13.05
CA LYS C 759 33.35 -12.93 -12.70
C LYS C 759 33.12 -13.30 -11.24
N LEU C 760 33.18 -12.31 -10.34
CA LEU C 760 32.90 -12.58 -8.94
C LEU C 760 31.59 -13.33 -8.78
N ALA C 761 30.52 -12.81 -9.40
CA ALA C 761 29.23 -13.47 -9.30
C ALA C 761 29.34 -14.92 -9.77
N GLN C 762 30.00 -15.14 -10.90
CA GLN C 762 30.16 -16.50 -11.39
C GLN C 762 30.80 -17.38 -10.34
N LEU C 763 31.87 -16.90 -9.71
CA LEU C 763 32.53 -17.71 -8.69
C LEU C 763 31.57 -18.05 -7.56
N SER C 764 30.69 -17.13 -7.18
CA SER C 764 29.70 -17.44 -6.16
C SER C 764 28.84 -18.62 -6.59
N GLU C 765 28.37 -18.60 -7.84
CA GLU C 765 27.57 -19.72 -8.33
C GLU C 765 28.40 -20.99 -8.42
N ALA C 766 29.73 -20.87 -8.50
CA ALA C 766 30.58 -22.05 -8.49
C ALA C 766 30.64 -22.69 -7.11
N TYR C 767 30.29 -21.95 -6.05
CA TYR C 767 30.30 -22.47 -4.69
C TYR C 767 28.90 -22.71 -4.14
N GLU C 768 27.88 -22.74 -5.01
CA GLU C 768 26.50 -22.97 -4.61
C GLU C 768 25.99 -21.89 -3.67
N VAL C 769 26.57 -20.70 -3.72
CA VAL C 769 26.09 -19.60 -2.90
C VAL C 769 24.81 -19.02 -3.49
N LYS C 770 24.02 -18.38 -2.64
CA LYS C 770 22.74 -17.84 -3.07
C LYS C 770 22.96 -16.83 -4.21
N PRO C 771 22.33 -16.99 -5.36
CA PRO C 771 22.54 -16.03 -6.46
C PRO C 771 22.09 -14.63 -6.07
N PHE C 772 22.77 -13.63 -6.63
CA PHE C 772 22.42 -12.23 -6.46
C PHE C 772 22.36 -11.56 -7.83
N ALA C 773 21.54 -10.53 -7.94
CA ALA C 773 21.25 -9.89 -9.21
C ALA C 773 22.42 -8.99 -9.59
N CYS C 774 23.42 -9.59 -10.25
CA CYS C 774 24.55 -8.81 -10.76
C CYS C 774 24.10 -7.83 -11.83
N PHE C 775 23.21 -8.27 -12.73
CA PHE C 775 22.67 -7.43 -13.79
C PHE C 775 21.26 -7.00 -13.43
N PRO C 776 20.99 -5.72 -13.21
CA PRO C 776 19.62 -5.31 -12.86
C PRO C 776 18.62 -5.72 -13.94
N LEU C 777 17.43 -6.13 -13.49
CA LEU C 777 16.35 -6.53 -14.38
C LEU C 777 15.03 -5.99 -13.85
N ARG C 778 14.12 -5.66 -14.75
CA ARG C 778 12.76 -5.29 -14.38
C ARG C 778 11.87 -6.51 -14.57
N ARG C 779 11.22 -6.95 -13.49
CA ARG C 779 10.41 -8.15 -13.50
C ARG C 779 8.95 -7.91 -13.14
N THR C 780 8.61 -6.75 -12.59
CA THR C 780 7.22 -6.47 -12.24
C THR C 780 6.38 -6.36 -13.50
N PHE C 781 5.18 -6.93 -13.45
CA PHE C 781 4.25 -6.86 -14.57
C PHE C 781 3.34 -5.64 -14.51
N ILE C 782 3.13 -5.06 -13.34
CA ILE C 782 2.35 -3.83 -13.24
C ILE C 782 3.12 -2.71 -13.94
N PRO C 783 2.49 -1.93 -14.82
CA PRO C 783 3.22 -0.84 -15.48
C PRO C 783 3.82 0.11 -14.45
N CYS C 784 5.06 0.53 -14.73
CA CYS C 784 5.79 1.43 -13.84
C CYS C 784 5.69 2.87 -14.34
N TYR C 785 6.09 3.79 -13.48
CA TYR C 785 6.07 5.20 -13.81
C TYR C 785 7.02 5.50 -14.96
N MET C 786 6.58 6.39 -15.85
CA MET C 786 7.41 6.88 -16.94
C MET C 786 7.41 8.40 -16.90
N THR C 787 8.52 8.98 -17.36
CA THR C 787 8.68 10.43 -17.39
C THR C 787 7.98 11.00 -18.62
N VAL C 788 7.02 11.88 -18.38
CA VAL C 788 6.29 12.56 -19.45
C VAL C 788 6.91 13.96 -19.55
N ASP C 789 7.55 14.23 -20.68
CA ASP C 789 8.19 15.49 -20.97
C ASP C 789 7.32 16.31 -21.93
N SER C 790 7.68 17.58 -22.09
CA SER C 790 6.96 18.43 -23.04
C SER C 790 7.00 17.85 -24.44
N LYS C 791 8.17 17.39 -24.88
CA LYS C 791 8.28 16.78 -26.21
C LYS C 791 7.45 15.51 -26.29
N ILE C 792 7.50 14.68 -25.24
CA ILE C 792 6.73 13.44 -25.25
C ILE C 792 5.24 13.75 -25.30
N LEU C 793 4.79 14.71 -24.49
CA LEU C 793 3.39 15.10 -24.52
C LEU C 793 2.99 15.62 -25.90
N ASN C 794 3.84 16.44 -26.51
CA ASN C 794 3.51 17.01 -27.82
C ASN C 794 3.43 15.94 -28.90
N TYR C 795 4.34 14.97 -28.87
CA TYR C 795 4.44 14.00 -29.96
C TYR C 795 3.49 12.82 -29.80
N HIS C 796 3.39 12.25 -28.59
CA HIS C 796 2.64 11.02 -28.38
C HIS C 796 1.22 11.25 -27.90
N ILE C 797 1.01 12.19 -26.99
CA ILE C 797 -0.30 12.43 -26.39
C ILE C 797 -1.11 13.44 -27.18
N LEU C 798 -0.53 14.61 -27.44
CA LEU C 798 -1.22 15.62 -28.25
C LEU C 798 -1.22 15.28 -29.73
N LYS C 799 -0.39 14.33 -30.16
CA LYS C 799 -0.34 13.90 -31.56
C LYS C 799 0.05 15.05 -32.49
N ASN C 800 0.75 16.05 -31.97
CA ASN C 800 1.25 17.12 -32.79
C ASN C 800 2.46 16.64 -33.60
N LYS C 801 2.62 17.24 -34.78
CA LYS C 801 3.67 16.81 -35.71
C LYS C 801 4.66 17.92 -36.04
N LYS C 802 4.81 18.92 -35.17
CA LYS C 802 5.76 20.00 -35.38
C LYS C 802 6.47 20.31 -34.07
N VAL C 803 7.66 20.91 -34.21
CA VAL C 803 8.50 21.17 -33.04
C VAL C 803 7.78 22.11 -32.08
N LEU C 804 7.91 21.81 -30.78
CA LEU C 804 7.31 22.61 -29.72
C LEU C 804 8.43 23.27 -28.92
N LYS C 805 8.62 24.57 -29.12
CA LYS C 805 9.67 25.29 -28.41
C LYS C 805 9.21 25.69 -27.03
N MET C 806 10.15 26.23 -26.24
CA MET C 806 9.87 26.57 -24.85
C MET C 806 8.76 27.61 -24.73
N ASP C 807 8.62 28.48 -25.74
CA ASP C 807 7.62 29.54 -25.66
C ASP C 807 6.21 28.98 -25.46
N GLU C 808 5.88 27.90 -26.17
CA GLU C 808 4.59 27.25 -26.05
C GLU C 808 4.60 26.13 -25.01
N LYS C 809 5.72 25.97 -24.29
CA LYS C 809 5.89 24.81 -23.42
C LYS C 809 4.69 24.60 -22.51
N PHE C 810 4.26 25.66 -21.83
CA PHE C 810 3.13 25.57 -20.92
C PHE C 810 1.79 25.49 -21.66
N ASN C 811 1.65 26.17 -22.80
CA ASN C 811 0.37 26.18 -23.49
C ASN C 811 -0.06 24.77 -23.85
N ALA C 812 0.87 23.95 -24.34
CA ALA C 812 0.54 22.55 -24.62
C ALA C 812 0.02 21.86 -23.36
N TRP C 813 0.70 22.07 -22.23
CA TRP C 813 0.24 21.47 -20.98
C TRP C 813 -1.16 21.95 -20.61
N GLY C 814 -1.50 23.18 -21.02
CA GLY C 814 -2.84 23.70 -20.77
C GLY C 814 -3.92 22.98 -21.54
N ARG C 815 -3.55 22.27 -22.61
CA ARG C 815 -4.53 21.58 -23.44
C ARG C 815 -4.79 20.15 -22.99
N VAL C 816 -4.06 19.66 -21.98
CA VAL C 816 -4.23 18.30 -21.48
C VAL C 816 -4.61 18.30 -20.00
N VAL C 817 -3.94 19.12 -19.20
CA VAL C 817 -4.21 19.21 -17.76
C VAL C 817 -4.41 20.67 -17.39
N ASN C 818 -5.06 20.88 -16.24
CA ASN C 818 -5.35 22.21 -15.74
C ASN C 818 -4.23 22.65 -14.80
N LEU C 819 -3.59 23.77 -15.10
CA LEU C 819 -2.49 24.29 -14.31
C LEU C 819 -2.93 25.17 -13.16
N GLU C 820 -4.23 25.48 -13.05
CA GLU C 820 -4.72 26.34 -11.99
C GLU C 820 -5.07 25.59 -10.72
N ARG C 821 -5.06 24.26 -10.74
CA ARG C 821 -5.39 23.50 -9.55
C ARG C 821 -4.25 23.56 -8.53
N LYS C 822 -4.57 23.16 -7.30
CA LYS C 822 -3.59 23.21 -6.22
C LYS C 822 -2.34 22.41 -6.55
N ALA C 823 -2.50 21.31 -7.29
CA ALA C 823 -1.36 20.43 -7.55
C ALA C 823 -0.27 21.15 -8.35
N PHE C 824 -0.65 21.91 -9.37
CA PHE C 824 0.32 22.55 -10.25
C PHE C 824 0.70 23.96 -9.80
N LYS C 825 0.07 24.50 -8.75
CA LYS C 825 0.40 25.83 -8.30
C LYS C 825 1.80 25.86 -7.67
N SER C 826 2.43 27.03 -7.73
CA SER C 826 3.74 27.20 -7.11
C SER C 826 3.70 26.81 -5.65
N GLN C 827 4.88 26.48 -5.11
CA GLN C 827 4.97 25.96 -3.75
C GLN C 827 6.34 26.30 -3.18
N GLY C 828 6.45 26.20 -1.87
CA GLY C 828 7.68 26.46 -1.17
C GLY C 828 7.74 27.88 -0.61
N CYS C 829 8.81 28.14 0.13
CA CYS C 829 9.01 29.47 0.72
C CYS C 829 9.08 30.51 -0.39
N LYS C 830 8.27 31.56 -0.27
CA LYS C 830 8.17 32.62 -1.26
C LYS C 830 7.83 32.08 -2.65
N LYS C 831 7.23 30.89 -2.71
CA LYS C 831 6.81 30.30 -3.98
C LYS C 831 7.97 30.25 -4.97
N THR C 832 9.14 29.79 -4.48
CA THR C 832 10.34 29.73 -5.30
C THR C 832 10.44 28.45 -6.13
N LEU C 833 9.54 27.50 -5.93
CA LEU C 833 9.53 26.25 -6.69
C LEU C 833 8.39 26.29 -7.70
N HIS C 834 8.71 25.98 -8.96
CA HIS C 834 7.75 26.09 -10.05
C HIS C 834 7.75 24.79 -10.86
N PHE C 835 6.58 24.49 -11.43
CA PHE C 835 6.44 23.34 -12.31
C PHE C 835 7.07 23.63 -13.66
N GLN C 836 7.87 22.69 -14.16
CA GLN C 836 8.65 22.88 -15.38
C GLN C 836 8.31 21.83 -16.43
N GLY C 837 7.03 21.49 -16.56
CA GLY C 837 6.60 20.66 -17.67
C GLY C 837 7.08 19.23 -17.65
N THR C 838 7.44 18.71 -16.48
CA THR C 838 7.92 17.33 -16.35
C THR C 838 7.04 16.60 -15.36
N LEU C 839 6.51 15.44 -15.76
CA LEU C 839 5.68 14.62 -14.89
C LEU C 839 6.22 13.20 -14.87
N GLU C 840 5.72 12.41 -13.92
CA GLU C 840 6.02 10.98 -13.87
C GLU C 840 4.71 10.24 -13.60
N THR C 841 4.23 9.49 -14.58
CA THR C 841 2.93 8.85 -14.46
C THR C 841 2.98 7.43 -15.01
N ASP C 842 2.10 6.58 -14.47
CA ASP C 842 1.95 5.20 -14.91
C ASP C 842 0.52 4.90 -15.36
N GLY C 843 -0.30 5.94 -15.58
CA GLY C 843 -1.67 5.79 -16.01
C GLY C 843 -2.69 5.94 -14.92
N VAL C 844 -2.29 5.83 -13.65
CA VAL C 844 -3.18 6.00 -12.50
C VAL C 844 -2.68 7.08 -11.57
N GLY C 845 -1.45 6.94 -11.08
CA GLY C 845 -0.84 7.93 -10.22
C GLY C 845 0.06 8.86 -11.02
N VAL C 846 0.11 10.12 -10.59
CA VAL C 846 0.89 11.15 -11.26
C VAL C 846 1.74 11.86 -10.23
N SER C 847 3.01 12.09 -10.56
CA SER C 847 3.94 12.84 -9.73
C SER C 847 4.35 14.08 -10.48
N ILE C 848 4.14 15.25 -9.87
CA ILE C 848 4.45 16.55 -10.45
C ILE C 848 5.69 17.07 -9.75
N LEU C 849 6.73 17.39 -10.53
CA LEU C 849 8.00 17.84 -10.00
C LEU C 849 8.08 19.36 -10.08
N LYS C 850 8.58 19.99 -9.02
CA LYS C 850 8.75 21.43 -8.96
C LYS C 850 10.16 21.73 -8.49
N GLN C 851 10.85 22.61 -9.23
CA GLN C 851 12.23 22.97 -8.95
C GLN C 851 12.38 24.48 -9.05
N ASN C 852 13.41 24.99 -8.36
CA ASN C 852 13.62 26.43 -8.22
C ASN C 852 14.58 27.00 -9.26
N THR C 853 15.04 26.19 -10.21
CA THR C 853 15.99 26.66 -11.21
C THR C 853 15.55 26.20 -12.59
N ASP C 854 15.99 26.96 -13.60
CA ASP C 854 15.63 26.63 -14.97
C ASP C 854 16.22 25.28 -15.37
N THR C 855 15.46 24.55 -16.19
CA THR C 855 15.87 23.22 -16.64
C THR C 855 16.70 23.25 -17.91
N ASN C 856 16.99 24.43 -18.45
CA ASN C 856 17.77 24.52 -19.69
C ASN C 856 19.22 24.16 -19.41
N ARG C 857 19.69 23.08 -20.01
CA ARG C 857 21.06 22.63 -19.83
C ARG C 857 22.00 23.36 -20.79
N LYS C 874 21.64 12.65 18.34
CA LYS C 874 22.40 12.77 19.58
C LYS C 874 21.90 11.79 20.63
N TYR C 875 22.72 11.60 21.67
CA TYR C 875 22.38 10.75 22.80
C TYR C 875 22.27 11.61 24.05
N ILE C 876 21.30 11.29 24.91
CA ILE C 876 21.09 12.08 26.12
C ILE C 876 22.33 12.04 27.00
N GLU C 877 23.00 10.89 27.06
CA GLU C 877 24.19 10.77 27.89
C GLU C 877 25.31 11.68 27.40
N LYS C 878 25.26 12.15 26.16
CA LYS C 878 26.31 12.97 25.58
C LYS C 878 25.86 14.41 25.35
N LEU C 879 24.75 14.83 25.97
CA LEU C 879 24.28 16.19 25.85
C LEU C 879 24.94 17.09 26.90
N GLU C 880 24.94 18.38 26.62
CA GLU C 880 25.47 19.37 27.55
C GLU C 880 24.41 19.72 28.59
N ASP C 881 24.86 20.33 29.69
CA ASP C 881 23.94 20.69 30.76
C ASP C 881 22.90 21.69 30.27
N ALA C 882 23.31 22.69 29.49
CA ALA C 882 22.38 23.71 29.03
C ALA C 882 21.24 23.11 28.21
N GLU C 883 21.56 22.18 27.32
CA GLU C 883 20.54 21.53 26.49
C GLU C 883 19.75 20.49 27.28
N LEU C 884 20.42 19.70 28.11
CA LEU C 884 19.74 18.62 28.82
C LEU C 884 18.75 19.16 29.86
N LYS C 885 19.11 20.22 30.56
CA LYS C 885 18.31 20.70 31.68
C LYS C 885 17.17 21.60 31.25
N GLN C 886 17.02 21.89 29.96
CA GLN C 886 15.87 22.66 29.48
C GLN C 886 14.67 21.78 29.16
N THR C 887 14.81 20.47 29.24
CA THR C 887 13.72 19.54 28.94
C THR C 887 12.92 19.14 30.18
N LEU C 888 13.21 19.72 31.34
CA LEU C 888 12.53 19.37 32.57
C LEU C 888 11.02 19.42 32.39
N GLY C 889 10.36 18.27 32.60
CA GLY C 889 8.92 18.20 32.51
C GLY C 889 8.36 18.05 31.11
N LYS C 890 9.21 17.83 30.11
CA LYS C 890 8.76 17.72 28.73
C LYS C 890 9.24 16.44 28.04
N CYS C 891 10.01 15.60 28.72
CA CYS C 891 10.56 14.40 28.09
C CYS C 891 9.50 13.31 28.01
N VAL C 892 9.47 12.62 26.86
CA VAL C 892 8.62 11.46 26.66
C VAL C 892 9.52 10.27 26.35
N LEU C 893 9.43 9.23 27.16
CA LEU C 893 10.29 8.05 27.04
C LEU C 893 9.56 7.01 26.21
N MET C 894 10.19 6.59 25.11
CA MET C 894 9.60 5.67 24.15
C MET C 894 10.42 4.39 24.11
N ASP C 895 9.73 3.26 24.18
CA ASP C 895 10.37 1.95 24.05
C ASP C 895 9.97 1.33 22.73
N PRO C 896 10.81 1.37 21.69
CA PRO C 896 10.41 0.81 20.39
C PRO C 896 10.44 -0.71 20.41
N GLY C 897 9.28 -1.32 20.15
CA GLY C 897 9.15 -2.75 20.04
C GLY C 897 8.85 -3.21 18.63
N ARG C 898 8.49 -4.49 18.52
CA ARG C 898 8.15 -5.07 17.22
C ARG C 898 6.65 -4.99 16.96
N ARG C 899 5.84 -5.64 17.80
CA ARG C 899 4.39 -5.57 17.65
C ARG C 899 3.85 -4.23 18.12
N ASP C 900 4.36 -3.72 19.25
CA ASP C 900 4.03 -2.38 19.73
C ASP C 900 5.14 -1.46 19.26
N LEU C 901 4.87 -0.68 18.22
CA LEU C 901 5.91 0.15 17.63
C LEU C 901 6.42 1.21 18.60
N LEU C 902 5.53 1.81 19.39
CA LEU C 902 5.94 2.87 20.32
C LEU C 902 5.12 2.74 21.60
N TYR C 903 5.80 2.45 22.70
CA TYR C 903 5.21 2.55 24.03
C TYR C 903 5.80 3.79 24.70
N CYS C 904 4.95 4.79 24.91
CA CYS C 904 5.39 6.11 25.35
C CYS C 904 4.87 6.42 26.75
N MET C 905 5.75 6.95 27.59
CA MET C 905 5.39 7.35 28.95
C MET C 905 5.97 8.73 29.23
N LYS C 906 5.20 9.56 29.92
CA LYS C 906 5.67 10.90 30.27
C LYS C 906 6.27 10.89 31.67
N GLU C 907 7.07 11.92 31.96
CA GLU C 907 7.74 12.00 33.25
C GLU C 907 6.74 12.04 34.40
N THR C 908 5.67 12.83 34.25
CA THR C 908 4.68 13.01 35.30
C THR C 908 3.74 11.82 35.45
N SER C 909 4.00 10.71 34.76
CA SER C 909 3.15 9.53 34.90
C SER C 909 3.23 8.99 36.31
N ARG C 910 2.07 8.60 36.85
CA ARG C 910 2.00 8.02 38.18
C ARG C 910 1.04 6.83 38.15
N ALA C 911 1.11 6.01 39.19
CA ALA C 911 0.22 4.86 39.28
C ALA C 911 -1.24 5.28 39.29
N ASP C 912 -1.56 6.42 39.88
CA ASP C 912 -2.91 6.94 39.93
C ASP C 912 -3.27 7.82 38.74
N LYS C 913 -2.30 8.09 37.85
CA LYS C 913 -2.55 8.88 36.65
C LYS C 913 -1.68 8.31 35.53
N LYS C 914 -2.28 7.47 34.69
CA LYS C 914 -1.54 6.79 33.62
C LYS C 914 -1.48 7.71 32.40
N GLU C 915 -0.35 8.37 32.23
CA GLU C 915 -0.09 9.17 31.03
C GLU C 915 0.71 8.33 30.02
N ILE C 916 0.11 7.22 29.61
CA ILE C 916 0.74 6.24 28.74
C ILE C 916 0.08 6.30 27.37
N MET C 917 0.86 6.02 26.33
CA MET C 917 0.36 5.93 24.97
C MET C 917 0.96 4.70 24.30
N ILE C 918 0.16 4.05 23.46
CA ILE C 918 0.60 2.87 22.73
C ILE C 918 0.28 3.05 21.25
N PHE C 919 1.27 2.81 20.40
CA PHE C 919 1.12 2.85 18.94
C PHE C 919 1.60 1.51 18.41
N THR C 920 0.69 0.71 17.89
CA THR C 920 0.94 -0.68 17.54
C THR C 920 1.12 -0.86 16.04
N LYS C 921 1.51 -2.07 15.65
CA LYS C 921 1.70 -2.39 14.24
C LYS C 921 0.37 -2.53 13.51
N ASN C 922 -0.70 -2.93 14.22
CA ASN C 922 -1.98 -3.15 13.55
C ASN C 922 -2.52 -1.87 12.95
N ASP C 923 -2.38 -0.75 13.66
CA ASP C 923 -2.90 0.52 13.16
C ASP C 923 -2.25 0.89 11.84
N ARG C 924 -0.93 0.71 11.74
CA ARG C 924 -0.23 1.06 10.50
C ARG C 924 -0.48 0.05 9.40
N SER C 925 -0.60 -1.23 9.75
CA SER C 925 -0.71 -2.31 8.78
C SER C 925 -2.15 -2.63 8.41
N LYS C 926 -3.13 -1.89 8.93
CA LYS C 926 -4.53 -2.11 8.56
C LYS C 926 -4.69 -2.19 7.04
N CYS C 927 -4.35 -1.11 6.34
CA CYS C 927 -4.58 -1.05 4.90
C CYS C 927 -3.74 -2.07 4.15
N SER C 928 -2.49 -2.24 4.55
CA SER C 928 -1.63 -3.21 3.87
C SER C 928 -2.18 -4.62 3.98
N ARG C 929 -2.61 -5.01 5.19
CA ARG C 929 -3.18 -6.34 5.38
C ARG C 929 -4.49 -6.50 4.62
N HIS C 930 -5.32 -5.46 4.59
CA HIS C 930 -6.57 -5.55 3.83
C HIS C 930 -6.28 -5.77 2.35
N PHE C 931 -5.34 -5.01 1.78
CA PHE C 931 -5.00 -5.19 0.37
C PHE C 931 -4.39 -6.57 0.12
N ARG C 932 -3.55 -7.04 1.05
CA ARG C 932 -2.95 -8.36 0.88
C ARG C 932 -4.02 -9.45 0.87
N ARG C 933 -4.99 -9.35 1.78
CA ARG C 933 -6.06 -10.34 1.82
C ARG C 933 -6.93 -10.25 0.56
N LEU C 934 -7.19 -9.04 0.08
CA LEU C 934 -7.95 -8.89 -1.15
C LEU C 934 -7.25 -9.56 -2.31
N ARG C 935 -5.94 -9.33 -2.46
CA ARG C 935 -5.20 -9.97 -3.53
C ARG C 935 -5.17 -11.49 -3.37
N LYS C 936 -5.02 -11.96 -2.13
CA LYS C 936 -4.99 -13.40 -1.89
C LYS C 936 -6.30 -14.06 -2.28
N LEU C 937 -7.42 -13.45 -1.92
CA LEU C 937 -8.73 -14.05 -2.19
C LEU C 937 -9.19 -13.88 -3.63
N LEU C 938 -8.82 -12.77 -4.28
CA LEU C 938 -9.31 -12.46 -5.62
C LEU C 938 -8.37 -12.90 -6.73
N GLN C 939 -7.27 -13.56 -6.41
CA GLN C 939 -6.31 -13.97 -7.43
C GLN C 939 -6.90 -15.09 -8.27
N PRO C 940 -7.02 -14.94 -9.60
CA PRO C 940 -7.54 -16.04 -10.42
C PRO C 940 -6.62 -17.25 -10.37
N SER C 941 -7.22 -18.43 -10.55
CA SER C 941 -6.45 -19.66 -10.54
C SER C 941 -5.41 -19.67 -11.65
N GLN C 942 -5.75 -19.09 -12.81
CA GLN C 942 -4.80 -19.07 -13.92
C GLN C 942 -3.54 -18.28 -13.58
N ILE C 943 -3.68 -17.14 -12.89
CA ILE C 943 -2.52 -16.36 -12.50
C ILE C 943 -1.68 -17.12 -11.49
N ARG C 944 -2.33 -17.83 -10.56
CA ARG C 944 -1.60 -18.65 -9.61
C ARG C 944 -0.79 -19.74 -10.32
N GLU C 945 -1.42 -20.41 -11.29
CA GLU C 945 -0.72 -21.44 -12.05
C GLU C 945 0.45 -20.85 -12.83
N ALA C 946 0.25 -19.68 -13.44
CA ALA C 946 1.32 -19.05 -14.20
C ALA C 946 2.49 -18.69 -13.31
N GLU C 947 2.22 -18.13 -12.13
CA GLU C 947 3.30 -17.80 -11.20
C GLU C 947 4.02 -19.05 -10.73
N THR C 948 3.27 -20.12 -10.42
CA THR C 948 3.90 -21.35 -9.98
C THR C 948 4.79 -21.92 -11.07
N TYR C 949 4.32 -21.90 -12.32
CA TYR C 949 5.13 -22.38 -13.44
C TYR C 949 6.39 -21.54 -13.60
N LEU C 950 6.26 -20.21 -13.52
CA LEU C 950 7.41 -19.33 -13.65
C LEU C 950 8.37 -19.46 -12.48
N SER C 951 7.93 -20.01 -11.35
CA SER C 951 8.77 -20.19 -10.19
C SER C 951 9.94 -21.13 -10.43
N GLY C 952 9.92 -21.92 -11.50
CA GLY C 952 10.97 -22.87 -11.76
C GLY C 952 12.20 -22.33 -12.45
N PHE C 953 12.28 -21.02 -12.68
CA PHE C 953 13.38 -20.40 -13.40
C PHE C 953 13.87 -19.19 -12.62
N ALA C 954 15.11 -19.26 -12.13
CA ALA C 954 15.70 -18.14 -11.40
C ALA C 954 16.11 -17.03 -12.36
N THR C 955 15.99 -15.79 -11.90
CA THR C 955 16.32 -14.63 -12.72
C THR C 955 17.70 -14.06 -12.43
N LYS C 956 18.14 -14.10 -11.17
CA LYS C 956 19.41 -13.48 -10.80
C LYS C 956 20.62 -14.29 -11.27
N SER C 957 20.42 -15.51 -11.74
CA SER C 957 21.54 -16.32 -12.21
C SER C 957 22.18 -15.68 -13.44
N VAL C 958 23.51 -15.80 -13.54
CA VAL C 958 24.25 -15.27 -14.67
C VAL C 958 24.53 -16.33 -15.73
N ASN C 959 24.06 -17.56 -15.53
CA ASN C 959 24.25 -18.61 -16.52
C ASN C 959 23.34 -18.38 -17.72
N MET C 960 23.88 -18.65 -18.91
CA MET C 960 23.10 -18.45 -20.13
C MET C 960 21.87 -19.35 -20.16
N GLU C 961 22.03 -20.62 -19.79
CA GLU C 961 20.93 -21.57 -19.89
C GLU C 961 19.73 -21.11 -19.05
N LYS C 962 19.98 -20.76 -17.79
CA LYS C 962 18.88 -20.37 -16.92
C LYS C 962 18.23 -19.07 -17.37
N PHE C 963 19.04 -18.12 -17.85
CA PHE C 963 18.47 -16.86 -18.31
C PHE C 963 17.60 -17.05 -19.54
N VAL C 964 18.05 -17.88 -20.49
CA VAL C 964 17.23 -18.15 -21.67
C VAL C 964 15.96 -18.88 -21.28
N GLU C 965 16.07 -19.84 -20.36
CA GLU C 965 14.89 -20.56 -19.90
C GLU C 965 13.89 -19.61 -19.25
N TYR C 966 14.38 -18.67 -18.44
CA TYR C 966 13.49 -17.69 -17.83
C TYR C 966 12.86 -16.80 -18.88
N ILE C 967 13.62 -16.40 -19.90
CA ILE C 967 13.05 -15.57 -20.96
C ILE C 967 11.90 -16.30 -21.64
N GLN C 968 12.12 -17.57 -21.98
CA GLN C 968 11.06 -18.34 -22.63
C GLN C 968 9.86 -18.53 -21.71
N ALA C 969 10.09 -18.82 -20.44
CA ALA C 969 8.99 -19.00 -19.51
C ALA C 969 8.18 -17.72 -19.35
N ARG C 970 8.87 -16.59 -19.24
CA ARG C 970 8.17 -15.31 -19.13
C ARG C 970 7.39 -15.00 -20.40
N ALA C 971 7.96 -15.32 -21.57
CA ALA C 971 7.24 -15.13 -22.82
C ALA C 971 5.99 -16.01 -22.88
N SER C 972 6.02 -17.18 -22.23
CA SER C 972 4.87 -18.08 -22.28
C SER C 972 3.66 -17.57 -21.48
N VAL C 973 3.88 -16.71 -20.48
CA VAL C 973 2.81 -16.26 -19.59
C VAL C 973 2.67 -14.74 -19.56
N LYS C 974 3.45 -14.02 -20.36
CA LYS C 974 3.40 -12.56 -20.31
C LYS C 974 2.03 -12.03 -20.71
N ASP C 975 1.41 -12.64 -21.72
CA ASP C 975 0.10 -12.15 -22.16
C ASP C 975 -0.89 -12.14 -21.01
N ILE C 976 -1.04 -13.29 -20.35
CA ILE C 976 -2.05 -13.39 -19.28
C ILE C 976 -1.65 -12.54 -18.09
N LEU C 977 -0.36 -12.54 -17.72
CA LEU C 977 0.03 -11.76 -16.55
C LEU C 977 -0.17 -10.27 -16.77
N TYR C 978 0.23 -9.76 -17.94
CA TYR C 978 0.01 -8.36 -18.25
C TYR C 978 -1.48 -8.03 -18.33
N GLU C 979 -2.28 -8.92 -18.91
CA GLU C 979 -3.72 -8.68 -19.00
C GLU C 979 -4.33 -8.58 -17.60
N TYR C 980 -3.93 -9.46 -16.69
CA TYR C 980 -4.48 -9.42 -15.34
C TYR C 980 -4.01 -8.18 -14.59
N TYR C 981 -2.71 -7.90 -14.61
CA TYR C 981 -2.17 -6.77 -13.88
C TYR C 981 -2.33 -5.44 -14.60
N GLY C 982 -2.66 -5.45 -15.89
CA GLY C 982 -2.89 -4.23 -16.62
C GLY C 982 -4.37 -3.96 -16.86
N ASN C 983 -5.23 -4.61 -16.06
CA ASN C 983 -6.66 -4.49 -16.27
C ASN C 983 -7.16 -3.06 -16.09
N GLU C 984 -6.42 -2.21 -15.36
CA GLU C 984 -6.90 -0.87 -15.11
C GLU C 984 -7.02 -0.06 -16.40
N THR C 985 -6.11 -0.26 -17.35
CA THR C 985 -6.11 0.49 -18.59
C THR C 985 -5.98 -0.36 -19.85
N ALA C 986 -5.47 -1.57 -19.76
CA ALA C 986 -5.31 -2.41 -20.95
C ALA C 986 -6.63 -3.06 -21.34
N LYS C 987 -6.71 -3.46 -22.61
CA LYS C 987 -7.89 -4.16 -23.10
C LYS C 987 -7.92 -5.57 -22.53
N SER C 988 -9.08 -5.96 -21.99
CA SER C 988 -9.24 -7.25 -21.34
C SER C 988 -10.39 -8.00 -21.96
N ILE C 989 -10.14 -9.25 -22.38
CA ILE C 989 -11.19 -10.13 -22.89
C ILE C 989 -11.23 -11.47 -22.19
N THR C 990 -10.15 -11.93 -21.57
CA THR C 990 -10.15 -13.23 -20.93
C THR C 990 -11.11 -13.24 -19.73
N GLU C 991 -11.78 -14.37 -19.54
CA GLU C 991 -12.67 -14.58 -18.40
C GLU C 991 -11.90 -15.33 -17.33
N PHE C 992 -11.52 -14.61 -16.26
CA PHE C 992 -10.68 -15.19 -15.21
C PHE C 992 -11.48 -15.95 -14.16
N TYR C 993 -12.81 -15.88 -14.18
CA TYR C 993 -13.65 -16.47 -13.15
C TYR C 993 -14.73 -17.31 -13.79
N PRO C 994 -14.37 -18.45 -14.39
CA PRO C 994 -15.38 -19.35 -14.95
C PRO C 994 -16.18 -20.04 -13.85
N GLU C 995 -17.43 -20.39 -14.22
CA GLU C 995 -18.33 -21.10 -13.30
C GLU C 995 -18.47 -20.36 -11.98
N SER C 996 -18.66 -19.04 -12.07
CA SER C 996 -18.74 -18.17 -10.90
C SER C 996 -20.13 -17.54 -10.82
N GLN C 997 -20.73 -17.59 -9.63
CA GLN C 997 -22.01 -16.96 -9.36
C GLN C 997 -21.83 -15.95 -8.24
N PHE C 998 -22.36 -14.74 -8.44
CA PHE C 998 -22.20 -13.63 -7.51
C PHE C 998 -23.54 -13.25 -6.93
N ASP C 999 -23.60 -13.10 -5.61
CA ASP C 999 -24.82 -12.72 -4.91
C ASP C 999 -24.53 -11.60 -3.92
N PHE C 1000 -25.40 -10.60 -3.89
CA PHE C 1000 -25.21 -9.45 -3.01
C PHE C 1000 -25.37 -9.87 -1.55
N LYS C 1001 -24.67 -9.15 -0.68
CA LYS C 1001 -24.74 -9.38 0.76
C LYS C 1001 -24.72 -8.04 1.48
N VAL C 1002 -25.29 -8.02 2.68
CA VAL C 1002 -25.33 -6.84 3.53
C VAL C 1002 -24.75 -7.22 4.89
N ASP C 1003 -23.83 -6.41 5.38
CA ASP C 1003 -23.16 -6.68 6.65
C ASP C 1003 -23.99 -6.12 7.80
N GLN C 1004 -23.43 -6.17 9.02
CA GLN C 1004 -24.15 -5.69 10.19
C GLN C 1004 -24.27 -4.17 10.20
N LYS C 1005 -23.42 -3.45 9.48
CA LYS C 1005 -23.47 -2.00 9.39
C LYS C 1005 -24.33 -1.51 8.24
N CYS C 1006 -25.01 -2.42 7.54
CA CYS C 1006 -25.89 -2.11 6.42
C CYS C 1006 -25.12 -1.65 5.17
N ASN C 1007 -23.87 -2.07 5.04
CA ASN C 1007 -23.10 -1.80 3.83
C ASN C 1007 -23.33 -2.91 2.82
N LEU C 1008 -23.44 -2.54 1.54
CA LEU C 1008 -23.76 -3.48 0.48
C LEU C 1008 -22.49 -3.93 -0.23
N TYR C 1009 -22.29 -5.24 -0.32
CA TYR C 1009 -21.16 -5.83 -1.00
C TYR C 1009 -21.65 -6.78 -2.08
N TYR C 1010 -20.94 -6.81 -3.22
CA TYR C 1010 -21.30 -7.73 -4.29
C TYR C 1010 -20.83 -9.14 -3.96
N GLU C 1011 -19.51 -9.36 -4.00
CA GLU C 1011 -18.89 -10.45 -3.27
C GLU C 1011 -17.90 -9.92 -2.24
N ASN C 1012 -17.01 -9.03 -2.65
CA ASN C 1012 -16.16 -8.26 -1.76
C ASN C 1012 -16.04 -6.80 -2.17
N LEU C 1013 -16.71 -6.37 -3.24
CA LEU C 1013 -16.63 -5.00 -3.72
C LEU C 1013 -17.68 -4.14 -3.02
N PHE C 1014 -17.23 -3.10 -2.32
CA PHE C 1014 -18.16 -2.19 -1.66
C PHE C 1014 -19.01 -1.46 -2.69
N VAL C 1015 -20.28 -1.26 -2.35
CA VAL C 1015 -21.22 -0.60 -3.25
C VAL C 1015 -21.66 0.73 -2.63
N ALA C 1016 -22.30 0.66 -1.47
CA ALA C 1016 -22.77 1.85 -0.78
C ALA C 1016 -23.35 1.43 0.57
N LYS C 1017 -23.57 2.42 1.43
CA LYS C 1017 -24.12 2.20 2.76
C LYS C 1017 -25.62 2.48 2.72
N ILE C 1018 -26.43 1.46 3.00
CA ILE C 1018 -27.88 1.58 3.02
C ILE C 1018 -28.26 2.06 4.42
N ARG C 1019 -28.79 3.28 4.51
CA ARG C 1019 -29.12 3.88 5.79
C ARG C 1019 -30.53 3.55 6.26
N GLY C 1020 -31.34 2.91 5.42
CA GLY C 1020 -32.69 2.53 5.81
C GLY C 1020 -32.94 1.04 5.64
N PHE C 1021 -31.94 0.23 5.97
CA PHE C 1021 -32.01 -1.21 5.71
C PHE C 1021 -32.64 -1.99 6.84
N TYR C 1022 -32.41 -1.60 8.10
CA TYR C 1022 -32.84 -2.39 9.24
C TYR C 1022 -34.36 -2.59 9.27
N PRO C 1023 -35.16 -1.54 9.05
CA PRO C 1023 -36.62 -1.73 9.04
C PRO C 1023 -37.04 -2.87 8.13
N GLN C 1024 -37.57 -3.94 8.71
CA GLN C 1024 -37.88 -5.16 7.98
C GLN C 1024 -39.04 -5.86 8.64
N PRO C 1025 -39.72 -6.77 7.92
CA PRO C 1025 -40.79 -7.56 8.54
C PRO C 1025 -40.25 -8.63 9.49
N GLU C 1026 -41.11 -9.50 9.96
CA GLU C 1026 -40.70 -10.53 10.91
C GLU C 1026 -39.49 -11.31 10.37
N HIS C 1027 -38.75 -11.90 11.29
CA HIS C 1027 -37.45 -12.48 10.96
C HIS C 1027 -37.59 -13.60 9.92
N GLU C 1028 -36.61 -13.65 9.02
CA GLU C 1028 -36.49 -14.74 8.05
C GLU C 1028 -37.69 -14.83 7.12
N PRO C 1029 -37.96 -13.80 6.31
CA PRO C 1029 -38.96 -13.95 5.26
C PRO C 1029 -38.40 -14.70 4.06
N ASN C 1030 -38.40 -16.03 4.15
CA ASN C 1030 -37.70 -16.88 3.18
C ASN C 1030 -38.54 -17.16 1.94
N ASP C 1031 -39.49 -16.29 1.60
CA ASP C 1031 -40.25 -16.47 0.38
C ASP C 1031 -39.34 -16.33 -0.84
N ILE C 1032 -39.64 -17.10 -1.88
CA ILE C 1032 -38.80 -17.11 -3.08
C ILE C 1032 -38.79 -15.74 -3.74
N THR C 1033 -39.96 -15.09 -3.82
CA THR C 1033 -40.05 -13.83 -4.55
C THR C 1033 -39.16 -12.76 -3.93
N LEU C 1034 -39.13 -12.66 -2.60
CA LEU C 1034 -38.33 -11.62 -1.95
C LEU C 1034 -36.85 -11.80 -2.27
N LYS C 1035 -36.32 -13.00 -2.05
CA LYS C 1035 -34.91 -13.25 -2.27
C LYS C 1035 -34.54 -13.22 -3.75
N SER C 1036 -35.51 -13.45 -4.64
CA SER C 1036 -35.23 -13.39 -6.07
C SER C 1036 -35.34 -11.97 -6.62
N HIS C 1037 -36.11 -11.10 -5.96
CA HIS C 1037 -36.32 -9.76 -6.49
C HIS C 1037 -35.40 -8.74 -5.83
N MET C 1038 -34.94 -9.00 -4.60
CA MET C 1038 -33.99 -8.09 -3.98
C MET C 1038 -32.71 -7.97 -4.79
N TYR C 1039 -32.39 -9.00 -5.58
CA TYR C 1039 -31.22 -8.92 -6.45
C TYR C 1039 -31.36 -7.77 -7.45
N HIS C 1040 -32.56 -7.60 -8.01
CA HIS C 1040 -32.78 -6.52 -8.95
C HIS C 1040 -32.59 -5.16 -8.28
N THR C 1041 -33.12 -4.99 -7.07
CA THR C 1041 -32.97 -3.73 -6.36
C THR C 1041 -31.49 -3.45 -6.07
N TYR C 1042 -30.76 -4.46 -5.61
CA TYR C 1042 -29.35 -4.26 -5.33
C TYR C 1042 -28.57 -3.94 -6.60
N LEU C 1043 -28.91 -4.60 -7.72
CA LEU C 1043 -28.25 -4.30 -8.98
C LEU C 1043 -28.53 -2.87 -9.42
N GLN C 1044 -29.77 -2.42 -9.29
CA GLN C 1044 -30.10 -1.04 -9.65
C GLN C 1044 -29.35 -0.05 -8.79
N ILE C 1045 -29.24 -0.33 -7.49
CA ILE C 1045 -28.48 0.56 -6.61
C ILE C 1045 -27.02 0.58 -7.03
N MET C 1046 -26.46 -0.59 -7.35
CA MET C 1046 -25.04 -0.67 -7.69
C MET C 1046 -24.73 0.05 -8.99
N LEU C 1047 -25.57 -0.14 -10.02
CA LEU C 1047 -25.27 0.41 -11.33
C LEU C 1047 -25.21 1.94 -11.33
N ASN C 1048 -25.94 2.59 -10.44
CA ASN C 1048 -25.93 4.05 -10.38
C ASN C 1048 -24.68 4.60 -9.71
N GLN C 1049 -23.87 3.75 -9.07
CA GLN C 1049 -22.65 4.23 -8.44
C GLN C 1049 -21.65 4.67 -9.48
N LYS C 1050 -20.97 5.79 -9.21
CA LYS C 1050 -20.02 6.34 -10.17
C LYS C 1050 -18.83 5.40 -10.38
N HIS C 1051 -18.25 4.89 -9.29
CA HIS C 1051 -17.07 4.04 -9.40
C HIS C 1051 -17.38 2.69 -10.03
N ILE C 1052 -18.66 2.33 -10.16
CA ILE C 1052 -19.05 1.11 -10.86
C ILE C 1052 -19.40 1.40 -12.32
N SER C 1053 -20.16 2.46 -12.57
CA SER C 1053 -20.52 2.82 -13.94
C SER C 1053 -19.29 3.17 -14.76
N GLU C 1054 -18.35 3.91 -14.17
CA GLU C 1054 -17.16 4.31 -14.92
C GLU C 1054 -16.34 3.11 -15.37
N ARG C 1055 -16.47 1.97 -14.71
CA ARG C 1055 -15.71 0.78 -15.07
C ARG C 1055 -16.40 -0.05 -16.15
N LEU C 1056 -17.62 0.28 -16.52
CA LEU C 1056 -18.37 -0.44 -17.54
C LEU C 1056 -18.69 0.50 -18.70
N ASN C 1057 -18.37 0.07 -19.91
CA ASN C 1057 -18.67 0.85 -21.10
C ASN C 1057 -20.14 0.70 -21.48
N SER C 1058 -20.60 1.56 -22.39
CA SER C 1058 -22.00 1.52 -22.80
C SER C 1058 -22.37 0.19 -23.41
N GLU C 1059 -21.44 -0.46 -24.12
CA GLU C 1059 -21.75 -1.72 -24.76
C GLU C 1059 -22.19 -2.77 -23.75
N LYS C 1060 -21.44 -2.89 -22.64
CA LYS C 1060 -21.82 -3.85 -21.60
C LYS C 1060 -22.99 -3.35 -20.77
N ARG C 1061 -23.07 -2.04 -20.54
CA ARG C 1061 -24.14 -1.50 -19.70
C ARG C 1061 -25.51 -1.72 -20.34
N ARG C 1062 -25.61 -1.54 -21.65
CA ARG C 1062 -26.89 -1.76 -22.32
C ARG C 1062 -27.36 -3.20 -22.15
N LYS C 1063 -26.45 -4.17 -22.35
CA LYS C 1063 -26.83 -5.57 -22.21
C LYS C 1063 -27.17 -5.90 -20.76
N ILE C 1064 -26.43 -5.32 -19.81
CA ILE C 1064 -26.72 -5.57 -18.40
C ILE C 1064 -28.11 -5.06 -18.04
N GLU C 1065 -28.45 -3.86 -18.52
CA GLU C 1065 -29.77 -3.31 -18.26
C GLU C 1065 -30.85 -4.15 -18.94
N ASP C 1066 -30.59 -4.62 -20.15
CA ASP C 1066 -31.57 -5.46 -20.83
C ASP C 1066 -31.82 -6.75 -20.05
N LEU C 1067 -30.77 -7.37 -19.55
CA LEU C 1067 -30.93 -8.58 -18.74
C LEU C 1067 -31.64 -8.28 -17.42
N ALA C 1068 -31.35 -7.13 -16.82
CA ALA C 1068 -32.07 -6.74 -15.60
C ALA C 1068 -33.56 -6.60 -15.87
N LYS C 1069 -33.91 -6.02 -17.02
CA LYS C 1069 -35.32 -5.89 -17.39
C LYS C 1069 -35.97 -7.27 -17.51
N ALA C 1070 -35.29 -8.23 -18.13
CA ALA C 1070 -35.85 -9.56 -18.27
C ALA C 1070 -35.96 -10.27 -16.93
N ILE C 1071 -35.07 -9.95 -15.99
CA ILE C 1071 -35.13 -10.58 -14.67
C ILE C 1071 -36.47 -10.34 -14.02
N LEU C 1072 -37.08 -9.17 -14.26
CA LEU C 1072 -38.37 -8.87 -13.65
C LEU C 1072 -39.43 -9.88 -14.08
N GLU C 1073 -39.45 -10.23 -15.37
CA GLU C 1073 -40.49 -11.13 -15.87
C GLU C 1073 -40.39 -12.51 -15.23
N GLN C 1074 -39.18 -13.06 -15.11
CA GLN C 1074 -38.96 -14.41 -14.62
C GLN C 1074 -37.88 -14.38 -13.54
N PRO C 1075 -38.23 -13.94 -12.32
CA PRO C 1075 -37.24 -13.96 -11.23
C PRO C 1075 -36.73 -15.36 -10.91
N HIS C 1076 -37.54 -16.40 -11.14
CA HIS C 1076 -37.14 -17.75 -10.77
C HIS C 1076 -36.03 -18.30 -11.65
N GLU C 1077 -35.84 -17.76 -12.85
CA GLU C 1077 -34.82 -18.25 -13.76
C GLU C 1077 -33.44 -17.87 -13.25
N SER C 1078 -32.49 -18.81 -13.39
CA SER C 1078 -31.13 -18.59 -12.92
C SER C 1078 -30.16 -18.22 -14.04
N GLY C 1079 -30.54 -18.45 -15.30
CA GLY C 1079 -29.65 -18.13 -16.39
C GLY C 1079 -29.30 -16.65 -16.46
N HIS C 1080 -30.28 -15.79 -16.17
CA HIS C 1080 -30.03 -14.35 -16.22
C HIS C 1080 -28.98 -13.95 -15.19
N LYS C 1081 -29.06 -14.49 -13.97
CA LYS C 1081 -28.07 -14.17 -12.96
C LYS C 1081 -26.68 -14.61 -13.38
N THR C 1082 -26.57 -15.81 -13.95
CA THR C 1082 -25.26 -16.29 -14.40
C THR C 1082 -24.71 -15.41 -15.51
N THR C 1083 -25.56 -15.00 -16.46
CA THR C 1083 -25.10 -14.14 -17.54
C THR C 1083 -24.63 -12.79 -17.01
N ILE C 1084 -25.38 -12.21 -16.07
CA ILE C 1084 -24.99 -10.93 -15.51
C ILE C 1084 -23.68 -11.06 -14.73
N SER C 1085 -23.52 -12.16 -13.99
CA SER C 1085 -22.28 -12.38 -13.27
C SER C 1085 -21.10 -12.50 -14.22
N SER C 1086 -21.28 -13.23 -15.33
CA SER C 1086 -20.22 -13.34 -16.32
C SER C 1086 -19.88 -11.98 -16.91
N LEU C 1087 -20.89 -11.16 -17.20
CA LEU C 1087 -20.65 -9.84 -17.76
C LEU C 1087 -19.90 -8.95 -16.76
N LEU C 1088 -20.29 -9.01 -15.48
CA LEU C 1088 -19.73 -8.13 -14.47
C LEU C 1088 -18.44 -8.66 -13.85
N GLY C 1089 -18.01 -9.86 -14.22
CA GLY C 1089 -16.77 -10.40 -13.70
C GLY C 1089 -15.58 -9.45 -13.79
N LYS C 1090 -15.65 -8.46 -14.68
CA LYS C 1090 -14.55 -7.49 -14.78
C LYS C 1090 -14.36 -6.72 -13.48
N LEU C 1091 -15.45 -6.46 -12.75
CA LEU C 1091 -15.36 -5.67 -11.53
C LEU C 1091 -14.54 -6.36 -10.44
N ARG C 1092 -14.36 -7.68 -10.53
CA ARG C 1092 -13.61 -8.40 -9.51
C ARG C 1092 -12.11 -8.17 -9.61
N LEU C 1093 -11.62 -7.65 -10.72
CA LEU C 1093 -10.20 -7.34 -10.85
C LEU C 1093 -9.86 -6.11 -9.99
N LEU C 1094 -8.62 -6.09 -9.47
CA LEU C 1094 -8.24 -5.07 -8.52
C LEU C 1094 -7.39 -3.98 -9.17
N PRO C 1095 -7.58 -2.72 -8.77
CA PRO C 1095 -6.70 -1.62 -9.25
C PRO C 1095 -5.40 -1.54 -8.45
N PHE C 1096 -4.41 -2.34 -8.88
CA PHE C 1096 -3.18 -2.48 -8.11
C PHE C 1096 -2.45 -1.14 -7.96
N ARG C 1097 -2.36 -0.38 -9.05
CA ARG C 1097 -1.68 0.92 -8.99
C ARG C 1097 -2.40 1.87 -8.04
N LYS C 1098 -3.73 1.93 -8.12
CA LYS C 1098 -4.47 2.77 -7.20
C LYS C 1098 -4.40 2.22 -5.79
N MET C 1099 -4.24 0.90 -5.63
CA MET C 1099 -4.02 0.35 -4.30
C MET C 1099 -2.69 0.83 -3.72
N LYS C 1100 -1.64 0.90 -4.56
CA LYS C 1100 -0.37 1.45 -4.10
C LYS C 1100 -0.52 2.92 -3.72
N PHE C 1101 -1.25 3.68 -4.53
CA PHE C 1101 -1.48 5.09 -4.20
C PHE C 1101 -2.22 5.23 -2.87
N SER C 1102 -3.24 4.40 -2.66
CA SER C 1102 -3.97 4.44 -1.40
C SER C 1102 -3.09 4.02 -0.24
N THR C 1103 -2.15 3.09 -0.47
CA THR C 1103 -1.21 2.70 0.57
C THR C 1103 -0.32 3.87 0.97
N LYS C 1104 0.17 4.62 -0.02
CA LYS C 1104 0.97 5.81 0.29
C LYS C 1104 0.15 6.81 1.09
N LEU C 1105 -1.09 7.06 0.66
CA LEU C 1105 -1.94 7.99 1.39
C LEU C 1105 -2.20 7.51 2.82
N PHE C 1106 -2.41 6.20 2.99
CA PHE C 1106 -2.65 5.65 4.33
C PHE C 1106 -1.42 5.80 5.21
N SER C 1107 -0.23 5.59 4.64
CA SER C 1107 0.99 5.80 5.43
C SER C 1107 1.11 7.24 5.87
N ASP C 1108 0.85 8.19 4.97
CA ASP C 1108 0.91 9.60 5.36
C ASP C 1108 -0.12 9.91 6.43
N ASN C 1109 -1.34 9.38 6.28
CA ASN C 1109 -2.39 9.62 7.27
C ASN C 1109 -2.00 9.05 8.63
N ASN C 1110 -1.40 7.85 8.65
CA ASN C 1110 -0.96 7.27 9.91
C ASN C 1110 0.13 8.12 10.56
N ASP C 1111 1.07 8.61 9.77
CA ASP C 1111 2.11 9.49 10.33
C ASP C 1111 1.48 10.73 10.97
N ARG C 1112 0.55 11.37 10.26
CA ARG C 1112 -0.07 12.57 10.78
C ARG C 1112 -0.93 12.27 12.00
N LYS C 1113 -1.62 11.14 12.00
CA LYS C 1113 -2.41 10.73 13.16
C LYS C 1113 -1.53 10.50 14.37
N LEU C 1114 -0.37 9.86 14.18
CA LEU C 1114 0.54 9.66 15.29
C LEU C 1114 1.06 11.00 15.82
N VAL C 1115 1.39 11.93 14.91
CA VAL C 1115 1.85 13.24 15.36
C VAL C 1115 0.76 13.94 16.17
N LYS C 1116 -0.48 13.89 15.68
CA LYS C 1116 -1.59 14.53 16.38
C LYS C 1116 -1.81 13.91 17.75
N ASN C 1117 -1.77 12.58 17.83
CA ASN C 1117 -1.95 11.91 19.11
C ASN C 1117 -0.84 12.27 20.08
N ILE C 1118 0.40 12.35 19.59
CA ILE C 1118 1.52 12.73 20.45
C ILE C 1118 1.32 14.15 20.99
N LYS C 1119 0.92 15.07 20.11
CA LYS C 1119 0.72 16.45 20.53
C LYS C 1119 -0.48 16.62 21.46
N LYS C 1120 -1.47 15.74 21.35
CA LYS C 1120 -2.65 15.81 22.22
C LYS C 1120 -2.40 15.20 23.58
N LYS C 1121 -1.90 13.96 23.61
CA LYS C 1121 -1.77 13.23 24.87
C LYS C 1121 -0.71 13.84 25.76
N PHE C 1122 0.43 14.23 25.18
CA PHE C 1122 1.59 14.68 25.95
C PHE C 1122 1.74 16.19 25.95
N GLY C 1123 1.82 16.81 24.78
CA GLY C 1123 1.96 18.25 24.70
C GLY C 1123 2.50 18.67 23.36
N ALA C 1124 2.34 19.96 23.07
CA ALA C 1124 2.79 20.51 21.79
C ALA C 1124 4.31 20.58 21.72
N ASP C 1125 4.97 20.88 22.83
CA ASP C 1125 6.42 21.04 22.88
C ASP C 1125 7.08 19.88 23.63
N ALA C 1126 6.55 18.68 23.45
CA ALA C 1126 7.09 17.51 24.12
C ALA C 1126 8.44 17.12 23.51
N VAL C 1127 9.34 16.68 24.37
CA VAL C 1127 10.67 16.20 23.97
C VAL C 1127 10.62 14.68 23.95
N LEU C 1128 11.06 14.09 22.84
CA LEU C 1128 10.96 12.65 22.63
C LEU C 1128 12.27 11.97 22.98
N VAL C 1129 12.19 10.94 23.82
CA VAL C 1129 13.32 10.10 24.16
C VAL C 1129 13.01 8.71 23.62
N LEU C 1130 13.85 8.24 22.70
CA LEU C 1130 13.61 6.99 21.99
C LEU C 1130 14.74 6.00 22.26
N GLY C 1131 14.39 4.72 22.27
CA GLY C 1131 15.37 3.69 22.51
C GLY C 1131 16.40 3.61 21.40
N ASN C 1132 17.53 2.98 21.73
CA ASN C 1132 18.65 2.85 20.80
C ASN C 1132 18.54 1.61 19.92
N TRP C 1133 17.45 0.86 20.02
CA TRP C 1133 17.29 -0.35 19.23
C TRP C 1133 17.40 -0.02 17.75
N SER C 1134 18.17 -0.82 17.02
CA SER C 1134 18.34 -0.64 15.58
C SER C 1134 17.20 -1.23 14.77
N ALA C 1135 16.36 -2.06 15.37
CA ALA C 1135 15.23 -2.68 14.69
C ALA C 1135 15.69 -3.40 13.41
N PRO C 1136 16.64 -4.31 13.51
CA PRO C 1136 17.08 -5.05 12.32
C PRO C 1136 16.00 -5.99 11.81
N ASN C 1137 16.04 -6.25 10.51
CA ASN C 1137 15.10 -7.16 9.88
C ASN C 1137 15.47 -8.59 10.26
N THR C 1138 14.57 -9.28 10.98
CA THR C 1138 14.82 -10.62 11.48
C THR C 1138 13.84 -11.59 10.85
N LYS C 1139 14.31 -12.82 10.64
CA LYS C 1139 13.47 -13.84 10.03
C LYS C 1139 12.28 -14.15 10.92
N TYR C 1140 11.14 -14.46 10.29
CA TYR C 1140 9.88 -14.82 10.93
C TYR C 1140 9.17 -13.60 11.51
N GLN C 1141 9.59 -12.39 11.17
CA GLN C 1141 8.93 -11.18 11.65
C GLN C 1141 8.83 -10.17 10.52
N ASP C 1142 7.78 -9.35 10.58
CA ASP C 1142 7.53 -8.37 9.53
C ASP C 1142 8.57 -7.24 9.61
N PRO C 1143 8.80 -6.54 8.50
CA PRO C 1143 9.69 -5.37 8.54
C PRO C 1143 9.18 -4.31 9.51
N THR C 1144 10.13 -3.65 10.16
CA THR C 1144 9.83 -2.62 11.16
C THR C 1144 10.39 -1.28 10.72
N ARG C 1145 9.66 -0.21 11.03
CA ARG C 1145 10.04 1.15 10.64
C ARG C 1145 10.72 1.82 11.82
N ASN C 1146 12.03 2.03 11.71
CA ASN C 1146 12.81 2.68 12.76
C ASN C 1146 13.48 3.96 12.30
N LYS C 1147 14.30 3.90 11.24
CA LYS C 1147 14.96 5.10 10.75
C LYS C 1147 13.96 6.08 10.16
N GLY C 1148 13.02 5.57 9.35
CA GLY C 1148 11.99 6.44 8.81
C GLY C 1148 11.13 7.07 9.89
N LEU C 1149 10.87 6.33 10.97
CA LEU C 1149 10.10 6.88 12.08
C LEU C 1149 10.83 8.08 12.70
N ARG C 1150 12.12 7.94 12.96
CA ARG C 1150 12.88 9.05 13.51
C ARG C 1150 12.93 10.23 12.54
N ARG C 1151 13.12 9.95 11.25
CA ARG C 1151 13.15 11.04 10.27
C ARG C 1151 11.82 11.78 10.23
N MET C 1152 10.71 11.04 10.25
CA MET C 1152 9.40 11.68 10.25
C MET C 1152 9.18 12.49 11.52
N LEU C 1153 9.58 11.96 12.68
CA LEU C 1153 9.40 12.68 13.93
C LEU C 1153 10.22 13.98 13.92
N LYS C 1154 11.46 13.92 13.44
CA LYS C 1154 12.27 15.14 13.39
C LYS C 1154 11.70 16.13 12.39
N LYS C 1155 11.18 15.65 11.26
CA LYS C 1155 10.64 16.56 10.25
C LYS C 1155 9.46 17.35 10.78
N ASN C 1156 8.74 16.80 11.76
CA ASN C 1156 7.59 17.48 12.35
C ASN C 1156 7.96 18.41 13.49
N GLY C 1157 9.24 18.51 13.82
CA GLY C 1157 9.70 19.44 14.83
C GLY C 1157 9.86 18.87 16.23
N PHE C 1158 9.73 17.57 16.40
CA PHE C 1158 9.88 16.96 17.72
C PHE C 1158 11.37 16.78 18.04
N PRO C 1159 11.88 17.38 19.12
CA PRO C 1159 13.26 17.08 19.53
C PRO C 1159 13.37 15.61 19.95
N LEU C 1160 14.14 14.84 19.19
CA LEU C 1160 14.28 13.41 19.40
C LEU C 1160 15.70 13.11 19.85
N TYR C 1161 15.83 12.40 20.97
CA TYR C 1161 17.12 12.03 21.52
C TYR C 1161 17.12 10.55 21.86
N LEU C 1162 18.23 9.88 21.59
CA LEU C 1162 18.35 8.45 21.80
C LEU C 1162 18.91 8.14 23.18
N ILE C 1163 18.36 7.10 23.81
CA ILE C 1163 18.81 6.63 25.12
C ILE C 1163 19.09 5.14 25.00
N ASP C 1164 20.24 4.73 25.52
CA ASP C 1164 20.62 3.32 25.45
C ASP C 1164 19.70 2.46 26.30
N GLU C 1165 19.45 1.23 25.83
CA GLU C 1165 18.58 0.30 26.52
C GLU C 1165 19.35 -0.79 27.27
N PHE C 1166 20.56 -0.49 27.72
CA PHE C 1166 21.37 -1.49 28.40
C PHE C 1166 20.81 -1.80 29.79
N ARG C 1167 20.40 -3.05 29.99
CA ARG C 1167 19.86 -3.51 31.27
C ARG C 1167 18.64 -2.71 31.69
N THR C 1168 17.92 -2.15 30.73
CA THR C 1168 16.76 -1.31 31.03
C THR C 1168 15.46 -2.09 31.12
N SER C 1169 15.48 -3.40 30.83
CA SER C 1169 14.27 -4.22 30.90
C SER C 1169 14.43 -5.47 31.74
N SER C 1170 15.62 -5.73 32.28
CA SER C 1170 15.87 -6.94 33.06
C SER C 1170 15.89 -6.67 34.56
N PHE C 1171 15.46 -5.49 35.01
CA PHE C 1171 15.47 -5.14 36.42
C PHE C 1171 14.14 -4.53 36.81
N CYS C 1172 13.76 -4.73 38.07
CA CYS C 1172 12.50 -4.22 38.58
C CYS C 1172 12.65 -2.76 38.99
N PRO C 1173 11.91 -1.83 38.39
CA PRO C 1173 12.03 -0.43 38.83
C PRO C 1173 11.70 -0.22 40.29
N LYS C 1174 10.76 -1.00 40.84
CA LYS C 1174 10.34 -0.79 42.22
C LYS C 1174 11.49 -1.01 43.20
N CYS C 1175 12.30 -2.06 42.98
CA CYS C 1175 13.37 -2.39 43.92
C CYS C 1175 14.68 -2.76 43.22
N GLU C 1176 14.78 -2.57 41.91
CA GLU C 1176 16.00 -2.86 41.16
C GLU C 1176 16.37 -4.33 41.17
N SER C 1177 15.41 -5.22 41.44
CA SER C 1177 15.65 -6.65 41.43
C SER C 1177 15.42 -7.22 40.04
N ASP C 1178 15.97 -8.41 39.81
CA ASP C 1178 15.90 -9.03 38.49
C ASP C 1178 14.48 -9.51 38.20
N LEU C 1179 14.19 -9.63 36.90
CA LEU C 1179 12.89 -10.05 36.42
C LEU C 1179 13.01 -11.37 35.66
N GLU C 1180 11.88 -12.04 35.48
CA GLU C 1180 11.86 -13.33 34.80
C GLU C 1180 10.51 -13.52 34.12
N LYS C 1181 10.48 -14.44 33.17
CA LYS C 1181 9.26 -14.81 32.45
C LYS C 1181 8.68 -16.07 33.09
N PHE C 1182 7.41 -16.01 33.44
CA PHE C 1182 6.74 -17.12 34.13
C PHE C 1182 5.45 -17.56 33.44
N LYS C 1183 4.68 -16.62 32.90
CA LYS C 1183 3.37 -16.95 32.37
C LYS C 1183 3.50 -17.80 31.11
N VAL C 1184 2.66 -18.83 31.02
CA VAL C 1184 2.59 -19.71 29.86
C VAL C 1184 1.26 -19.46 29.16
N ILE C 1185 1.32 -19.12 27.88
CA ILE C 1185 0.13 -18.75 27.12
C ILE C 1185 0.12 -19.56 25.82
N PRO C 1186 -1.04 -19.90 25.27
CA PRO C 1186 -1.06 -20.51 23.94
C PRO C 1186 -0.31 -19.65 22.94
N ASN C 1187 0.14 -20.28 21.86
CA ASN C 1187 0.96 -19.57 20.89
C ASN C 1187 0.21 -18.34 20.38
N PRO C 1188 0.79 -17.14 20.45
CA PRO C 1188 0.05 -15.95 20.01
C PRO C 1188 -0.44 -16.03 18.58
N ARG C 1189 0.34 -16.66 17.69
CA ARG C 1189 -0.05 -16.78 16.29
C ARG C 1189 -0.91 -18.02 16.12
N PRO C 1190 -2.18 -17.89 15.70
CA PRO C 1190 -3.06 -19.06 15.70
C PRO C 1190 -2.58 -20.19 14.81
N HIS C 1191 -1.95 -19.87 13.67
CA HIS C 1191 -1.54 -20.92 12.75
C HIS C 1191 -0.44 -21.82 13.31
N ASN C 1192 0.32 -21.34 14.28
CA ASN C 1192 1.37 -22.13 14.91
C ASN C 1192 0.89 -22.87 16.15
N GLN C 1193 -0.36 -22.69 16.57
CA GLN C 1193 -0.86 -23.38 17.74
C GLN C 1193 -0.90 -24.89 17.53
N GLU C 1194 -1.27 -25.33 16.33
CA GLU C 1194 -1.33 -26.76 16.06
C GLU C 1194 0.05 -27.41 16.15
N LYS C 1195 1.11 -26.63 15.95
CA LYS C 1195 2.47 -27.16 15.98
C LYS C 1195 3.10 -27.04 17.37
N GLN C 1196 3.12 -25.83 17.92
CA GLN C 1196 3.66 -25.57 19.26
C GLN C 1196 2.55 -24.93 20.08
N PRO C 1197 1.78 -25.74 20.81
CA PRO C 1197 0.53 -25.20 21.40
C PRO C 1197 0.75 -24.05 22.37
N LYS C 1198 1.82 -24.07 23.16
CA LYS C 1198 2.01 -23.09 24.22
C LYS C 1198 3.45 -22.60 24.25
N VAL C 1199 3.63 -21.37 24.71
CA VAL C 1199 4.94 -20.76 24.86
C VAL C 1199 4.92 -19.81 26.05
N LEU C 1200 6.12 -19.50 26.55
CA LEU C 1200 6.24 -18.55 27.66
C LEU C 1200 5.86 -17.15 27.20
N CYS C 1201 5.14 -16.43 28.05
CA CYS C 1201 4.78 -15.05 27.74
C CYS C 1201 6.02 -14.19 27.66
N HIS C 1202 6.06 -13.29 26.68
CA HIS C 1202 7.21 -12.44 26.44
C HIS C 1202 7.05 -11.04 26.97
N GLY C 1203 5.83 -10.50 26.97
CA GLY C 1203 5.56 -9.15 27.42
C GLY C 1203 5.24 -9.01 28.89
N LEU C 1204 5.18 -10.10 29.64
CA LEU C 1204 4.84 -10.07 31.06
C LEU C 1204 6.02 -10.61 31.86
N LEU C 1205 6.41 -9.88 32.91
CA LEU C 1205 7.49 -10.28 33.79
C LEU C 1205 7.03 -10.16 35.23
N ARG C 1206 7.76 -10.81 36.13
CA ARG C 1206 7.48 -10.73 37.56
C ARG C 1206 8.76 -10.51 38.33
N CYS C 1207 8.62 -9.90 39.50
CA CYS C 1207 9.76 -9.59 40.36
C CYS C 1207 9.99 -10.74 41.34
N LYS C 1208 11.22 -11.25 41.36
CA LYS C 1208 11.53 -12.37 42.24
C LYS C 1208 11.39 -11.98 43.71
N ASN C 1209 11.81 -10.77 44.08
CA ASN C 1209 11.74 -10.32 45.46
C ASN C 1209 10.29 -10.37 45.95
N MET C 1210 10.02 -11.26 46.90
CA MET C 1210 8.67 -11.40 47.43
C MET C 1210 8.23 -10.14 48.16
N SER C 1211 9.13 -9.53 48.92
CA SER C 1211 8.81 -8.33 49.68
C SER C 1211 8.54 -7.12 48.80
N CYS C 1212 8.83 -7.21 47.50
CA CYS C 1212 8.60 -6.07 46.62
C CYS C 1212 7.15 -5.65 46.64
N LEU C 1213 6.23 -6.61 46.63
CA LEU C 1213 4.81 -6.30 46.68
C LEU C 1213 4.42 -5.81 48.07
N GLU C 1214 3.29 -5.10 48.13
CA GLU C 1214 2.83 -4.55 49.39
C GLU C 1214 2.54 -5.68 50.39
N GLN C 1215 2.30 -5.27 51.64
CA GLN C 1215 2.10 -6.24 52.71
C GLN C 1215 0.92 -7.15 52.41
N GLN C 1216 1.09 -8.44 52.66
CA GLN C 1216 0.03 -9.41 52.50
C GLN C 1216 0.28 -10.59 53.44
N THR C 1217 -0.77 -11.37 53.69
CA THR C 1217 -0.71 -12.47 54.65
C THR C 1217 -0.05 -13.69 54.01
N SER C 1218 1.19 -13.49 53.56
CA SER C 1218 2.02 -14.56 53.03
C SER C 1218 1.29 -15.38 51.97
N GLU C 1219 0.63 -14.69 51.05
CA GLU C 1219 -0.09 -15.35 49.97
C GLU C 1219 0.78 -15.59 48.74
N GLY C 1220 2.03 -15.12 48.74
CA GLY C 1220 2.95 -15.39 47.66
C GLY C 1220 2.80 -14.53 46.43
N ASN C 1221 1.94 -13.52 46.47
CA ASN C 1221 1.76 -12.65 45.32
C ASN C 1221 3.02 -11.84 45.03
N GLN C 1222 3.32 -11.65 43.75
CA GLN C 1222 4.50 -10.92 43.32
C GLN C 1222 4.09 -9.88 42.29
N ARG C 1223 4.82 -8.77 42.25
CA ARG C 1223 4.51 -7.71 41.31
C ARG C 1223 4.68 -8.18 39.88
N LEU C 1224 3.73 -7.81 39.02
CA LEU C 1224 3.76 -8.14 37.61
C LEU C 1224 3.91 -6.87 36.79
N TRP C 1225 4.82 -6.90 35.82
CA TRP C 1225 5.18 -5.74 35.02
C TRP C 1225 5.03 -6.06 33.54
N ASN C 1226 4.59 -5.05 32.79
CA ASN C 1226 4.71 -5.07 31.34
C ASN C 1226 6.11 -4.60 30.97
N ARG C 1227 6.78 -5.36 30.09
CA ARG C 1227 8.19 -5.10 29.83
C ARG C 1227 8.40 -3.68 29.32
N ASP C 1228 7.51 -3.18 28.48
CA ASP C 1228 7.64 -1.82 27.98
C ASP C 1228 7.51 -0.80 29.12
N GLN C 1229 6.57 -1.03 30.04
CA GLN C 1229 6.41 -0.12 31.16
C GLN C 1229 7.65 -0.08 32.03
N ALA C 1230 8.22 -1.26 32.32
CA ALA C 1230 9.46 -1.30 33.09
C ALA C 1230 10.59 -0.61 32.34
N ALA C 1231 10.65 -0.79 31.03
CA ALA C 1231 11.70 -0.15 30.23
C ALA C 1231 11.59 1.37 30.32
N VAL C 1232 10.37 1.90 30.19
CA VAL C 1232 10.22 3.36 30.26
C VAL C 1232 10.50 3.87 31.66
N LEU C 1233 10.12 3.11 32.70
CA LEU C 1233 10.44 3.52 34.06
C LEU C 1233 11.96 3.55 34.28
N ASN C 1234 12.68 2.56 33.76
CA ASN C 1234 14.12 2.56 33.86
C ASN C 1234 14.74 3.70 33.06
N PHE C 1235 14.15 4.04 31.91
CA PHE C 1235 14.60 5.20 31.16
C PHE C 1235 14.44 6.47 31.99
N ARG C 1236 13.31 6.59 32.70
CA ARG C 1236 13.10 7.75 33.56
C ARG C 1236 14.14 7.78 34.67
N LYS C 1237 14.45 6.62 35.26
CA LYS C 1237 15.49 6.56 36.27
C LYS C 1237 16.83 7.03 35.71
N ILE C 1238 17.17 6.58 34.51
CA ILE C 1238 18.44 6.97 33.89
C ILE C 1238 18.46 8.46 33.64
N LEU C 1239 17.35 9.01 33.14
CA LEU C 1239 17.29 10.45 32.87
C LEU C 1239 17.45 11.25 34.17
N ASN C 1240 16.79 10.82 35.24
CA ASN C 1240 16.92 11.53 36.51
C ASN C 1240 18.34 11.44 37.03
N CYS C 1241 18.97 10.28 36.92
CA CYS C 1241 20.36 10.13 37.37
C CYS C 1241 21.28 11.04 36.56
N LEU C 1242 21.07 11.11 35.25
CA LEU C 1242 21.88 12.00 34.42
C LEU C 1242 21.68 13.46 34.83
N ARG C 1243 20.43 13.85 35.08
CA ARG C 1243 20.17 15.23 35.49
C ARG C 1243 20.86 15.55 36.82
N GLU C 1244 20.80 14.62 37.77
CA GLU C 1244 21.33 14.90 39.11
C GLU C 1244 22.85 14.81 39.16
N THR C 1245 23.47 13.94 38.36
CA THR C 1245 24.90 13.70 38.43
C THR C 1245 25.63 13.76 37.11
N LYS C 1246 24.93 13.76 35.97
CA LYS C 1246 25.52 13.79 34.64
C LYS C 1246 26.25 12.50 34.29
N GLN C 1247 26.02 11.42 35.04
CA GLN C 1247 26.63 10.13 34.78
C GLN C 1247 25.56 9.05 34.80
N ARG C 1248 25.72 8.07 33.92
CA ARG C 1248 24.75 6.98 33.84
C ARG C 1248 24.74 6.21 35.17
N PRO C 1249 23.58 5.77 35.63
CA PRO C 1249 23.53 5.05 36.92
C PRO C 1249 24.39 3.79 36.88
N PRO C 1250 25.04 3.44 37.99
CA PRO C 1250 25.94 2.27 37.96
C PRO C 1250 25.25 0.98 37.53
N LEU C 1251 24.00 0.78 37.93
CA LEU C 1251 23.32 -0.48 37.61
C LEU C 1251 23.15 -0.66 36.11
N PHE C 1252 23.12 0.43 35.35
CA PHE C 1252 22.91 0.39 33.91
C PHE C 1252 24.19 0.70 33.14
N SER C 1253 25.35 0.40 33.72
CA SER C 1253 26.63 0.66 33.09
C SER C 1253 26.85 -0.29 31.91
ZN ZN H . 10.75 -5.56 42.72
MG MG I . 13.37 -2.03 24.79
#